data_6RIW
#
_entry.id   6RIW
#
_cell.length_a   78.240
_cell.length_b   90.830
_cell.length_c   132.420
_cell.angle_alpha   90.000
_cell.angle_beta   90.000
_cell.angle_gamma   90.000
#
_symmetry.space_group_name_H-M   'P 21 21 21'
#
loop_
_entity.id
_entity.type
_entity.pdbx_description
1 polymer ORF10
2 non-polymer 'MAGNESIUM ION'
3 water water
#
_entity_poly.entity_id   1
_entity_poly.type   'polypeptide(L)'
_entity_poly.pdbx_seq_one_letter_code
;MENIAVVGIANLFPGSQAPDQFWQQLLEQQDCRSKATAVQMGVDPAKYTANKGDTDKFYCVHGGYISDFNFDASGYQLDN
DYLAGLDDLNQWGLYVTKQALTDAGYWGSTALENCGVILGNLSFPTKSSNQLFMPLYHQVVDNALKAVLHPDFQLTHYTA
PKKTHADNALVAGYPAALIAQAAGLGGSHFALDAACASSCYSVKLACDYLHTGKANMMLAGAVSAADPMFVNMGFSIFQA
YPANNVHAPFDQNSQGLFAGEGAGMMVLKRQSDAVRDGDHIYAIIKGGALSNDGKGEFVLSPNTKGQVLVYERAYADADV
DPSTVDYIECHATGTPKGDNVELRSMETFFSRVNNKPLLGSVKSNLGHLLTAAGMPGMTKAMLALGKGLIPATINLKQPL
QSKNGYFTGEQMPTTTVSWPTTPGAKADKPRTAGVSVFGFGGSNAHLVLQQPTQTLETNFSVAKPREPLAIIGMDSHFGS
ASNLAQFKTLLNNNQNTFRELPEQRWKGMESNANVMQSLQLRKAPKGSYVEQLDIDFLRFKVPPNEKDCLIPQQLMMMQV
ADNAAKDGGLVEGRNVAVLVAMGMELELHQYRGRVNLTTQIEDSLLQQGINLTVEQREELTNIAKDGVASAAQLNQYTSF
IGNIMASRISALWDFSGPAITVSAEENSVYRCVELAENLFQTSDVEAVIIAAVDLSGSIENITLRQHYGPVNEKGSVSEC
GPVNESSSVTNNILDQQQWLVGEGAAAIVVKPSSQVTAEQVYARIDAVSFAPGSNAKAITIAADKALTLAGISAADVASV
EAHASGFSAENNAEKTALPTLYPSASISSVKANIGHTFNASGMASIIKTALLLDQNTSQDQKSKHIAINGLGRDNSCAHL
ILSSSAQAHQVAPAPVSGMAKQRPQLVKTIKLGGQLISNAIVNSASSSLHAIKAQFAGKHLNKVNQPVMMDNLKPQGISA
HATNEYVVTGAANTQASNIQASHVQASSHAQEIAPNQVQNMQATAALEHHHHHH
;
_entity_poly.pdbx_strand_id   A
#
loop_
_chem_comp.id
_chem_comp.type
_chem_comp.name
_chem_comp.formula
MG non-polymer 'MAGNESIUM ION' 'Mg 2'
#
# COMPACT_ATOMS: atom_id res chain seq x y z
N MET A 1 -2.07 -20.23 19.57
CA MET A 1 -3.27 -19.56 20.09
C MET A 1 -4.55 -20.19 19.52
N GLU A 2 -5.70 -19.69 19.95
CA GLU A 2 -6.97 -20.37 19.68
C GLU A 2 -7.23 -20.55 18.19
N ASN A 3 -7.80 -21.71 17.84
CA ASN A 3 -8.37 -21.94 16.51
C ASN A 3 -9.21 -20.76 16.03
N ILE A 4 -8.95 -20.33 14.78
CA ILE A 4 -9.78 -19.34 14.11
C ILE A 4 -10.63 -20.04 13.07
N ALA A 5 -11.93 -19.75 13.08
CA ALA A 5 -12.87 -20.32 12.10
C ALA A 5 -13.08 -19.32 10.97
N VAL A 6 -13.00 -19.83 9.74
CA VAL A 6 -13.45 -19.09 8.56
C VAL A 6 -14.94 -19.34 8.39
N VAL A 7 -15.75 -18.28 8.52
CA VAL A 7 -17.20 -18.43 8.52
C VAL A 7 -17.86 -17.78 7.32
N GLY A 8 -17.09 -17.18 6.42
CA GLY A 8 -17.66 -16.59 5.23
C GLY A 8 -16.56 -16.36 4.21
N ILE A 9 -16.86 -16.53 2.92
CA ILE A 9 -15.85 -16.40 1.87
C ILE A 9 -16.50 -15.75 0.66
N ALA A 10 -15.73 -14.90 -0.03
CA ALA A 10 -16.21 -14.35 -1.30
C ALA A 10 -15.03 -14.12 -2.22
N ASN A 11 -15.30 -14.13 -3.52
CA ASN A 11 -14.24 -13.91 -4.49
C ASN A 11 -14.76 -13.16 -5.71
N LEU A 12 -13.86 -12.39 -6.31
CA LEU A 12 -14.04 -11.86 -7.67
C LEU A 12 -12.71 -12.15 -8.35
N PHE A 13 -12.66 -13.27 -9.07
CA PHE A 13 -11.46 -13.77 -9.72
C PHE A 13 -11.65 -13.76 -11.23
N PRO A 14 -10.56 -13.80 -12.01
CA PRO A 14 -10.73 -13.99 -13.45
C PRO A 14 -11.60 -15.22 -13.68
N GLY A 15 -12.74 -15.03 -14.37
CA GLY A 15 -13.64 -16.11 -14.66
C GLY A 15 -14.77 -16.34 -13.68
N SER A 16 -14.74 -15.78 -12.46
CA SER A 16 -15.77 -16.18 -11.49
C SER A 16 -16.10 -15.06 -10.52
N GLN A 17 -17.32 -15.10 -9.98
CA GLN A 17 -17.81 -14.10 -9.04
C GLN A 17 -18.32 -14.70 -7.73
N ALA A 18 -18.14 -16.01 -7.52
CA ALA A 18 -18.66 -16.68 -6.34
C ALA A 18 -17.82 -17.92 -6.11
N PRO A 19 -17.76 -18.43 -4.86
CA PRO A 19 -16.84 -19.55 -4.60
C PRO A 19 -17.24 -20.86 -5.26
N ASP A 20 -18.55 -21.15 -5.38
CA ASP A 20 -18.94 -22.41 -6.01
C ASP A 20 -18.63 -22.41 -7.51
N GLN A 21 -18.79 -21.24 -8.15
CA GLN A 21 -18.40 -21.13 -9.56
C GLN A 21 -16.90 -21.34 -9.74
N PHE A 22 -16.09 -20.73 -8.87
CA PHE A 22 -14.65 -20.90 -8.91
C PHE A 22 -14.27 -22.36 -8.70
N TRP A 23 -14.91 -23.01 -7.72
CA TRP A 23 -14.60 -24.42 -7.43
C TRP A 23 -14.89 -25.31 -8.63
N GLN A 24 -16.06 -25.14 -9.26
CA GLN A 24 -16.40 -25.93 -10.43
C GLN A 24 -15.39 -25.71 -11.55
N GLN A 25 -14.93 -24.47 -11.72
CA GLN A 25 -13.93 -24.20 -12.75
C GLN A 25 -12.64 -24.97 -12.48
N LEU A 26 -12.23 -25.04 -11.20
CA LEU A 26 -11.04 -25.82 -10.84
C LEU A 26 -11.24 -27.29 -11.15
N LEU A 27 -12.44 -27.82 -10.82
CA LEU A 27 -12.70 -29.24 -11.05
C LEU A 27 -12.68 -29.57 -12.54
N GLU A 28 -13.03 -28.61 -13.38
CA GLU A 28 -13.05 -28.77 -14.82
C GLU A 28 -11.75 -28.33 -15.49
N GLN A 29 -10.74 -27.96 -14.71
CA GLN A 29 -9.44 -27.55 -15.23
C GLN A 29 -9.57 -26.35 -16.18
N GLN A 30 -10.46 -25.43 -15.83
CA GLN A 30 -10.69 -24.25 -16.66
C GLN A 30 -9.48 -23.31 -16.63
N ASP A 31 -9.07 -22.86 -17.80
CA ASP A 31 -8.08 -21.79 -17.95
C ASP A 31 -8.82 -20.47 -18.03
N CYS A 32 -8.58 -19.58 -17.07
CA CYS A 32 -9.27 -18.29 -16.98
C CYS A 32 -8.42 -17.12 -17.43
N ARG A 33 -7.23 -17.36 -17.99
CA ARG A 33 -6.37 -16.30 -18.48
C ARG A 33 -6.80 -15.86 -19.87
N SER A 34 -6.48 -14.62 -20.24
CA SER A 34 -6.94 -14.05 -21.50
C SER A 34 -6.03 -12.90 -21.90
N LYS A 35 -6.26 -12.36 -23.09
CA LYS A 35 -5.49 -11.22 -23.59
C LYS A 35 -6.14 -9.92 -23.15
N ALA A 36 -5.31 -8.98 -22.70
CA ALA A 36 -5.82 -7.67 -22.32
C ALA A 36 -6.29 -6.93 -23.56
N THR A 37 -7.35 -6.12 -23.37
CA THR A 37 -7.90 -5.25 -24.40
C THR A 37 -7.87 -3.80 -23.93
N ALA A 38 -8.44 -2.91 -24.77
CA ALA A 38 -8.53 -1.50 -24.36
C ALA A 38 -9.40 -1.31 -23.11
N VAL A 39 -10.24 -2.29 -22.79
CA VAL A 39 -10.97 -2.25 -21.52
C VAL A 39 -10.00 -2.19 -20.34
N GLN A 40 -8.88 -2.92 -20.47
CA GLN A 40 -7.86 -2.91 -19.43
C GLN A 40 -6.92 -1.72 -19.57
N MET A 41 -6.50 -1.40 -20.80
CA MET A 41 -5.39 -0.48 -21.00
C MET A 41 -5.82 0.96 -21.26
N GLY A 42 -7.09 1.21 -21.60
CA GLY A 42 -7.55 2.55 -21.97
C GLY A 42 -6.99 3.05 -23.29
N VAL A 43 -6.27 2.18 -24.00
CA VAL A 43 -5.66 2.44 -25.29
C VAL A 43 -5.67 1.12 -26.05
N ASP A 44 -5.41 1.16 -27.35
CA ASP A 44 -5.23 -0.04 -28.15
C ASP A 44 -3.95 -0.75 -27.72
N PRO A 45 -4.02 -1.95 -27.12
CA PRO A 45 -2.79 -2.59 -26.60
C PRO A 45 -1.74 -2.87 -27.67
N ALA A 46 -2.16 -3.12 -28.92
CA ALA A 46 -1.18 -3.40 -29.97
C ALA A 46 -0.23 -2.23 -30.19
N LYS A 47 -0.67 -0.99 -29.98
CA LYS A 47 0.21 0.18 -30.12
C LYS A 47 1.32 0.20 -29.08
N TYR A 48 1.19 -0.57 -28.01
CA TYR A 48 2.17 -0.58 -26.92
C TYR A 48 2.88 -1.92 -26.81
N THR A 49 2.66 -2.82 -27.78
CA THR A 49 3.23 -4.17 -27.75
C THR A 49 4.42 -4.24 -28.69
N ALA A 50 5.54 -4.78 -28.20
CA ALA A 50 6.70 -5.02 -29.05
C ALA A 50 7.47 -6.22 -28.52
N ASN A 51 8.78 -6.23 -28.68
CA ASN A 51 9.62 -7.30 -28.17
C ASN A 51 10.24 -6.92 -26.82
N LYS A 52 10.74 -7.95 -26.13
CA LYS A 52 11.46 -7.76 -24.88
C LYS A 52 12.64 -6.83 -25.07
N GLY A 53 12.82 -5.90 -24.14
CA GLY A 53 13.88 -4.92 -24.23
C GLY A 53 13.51 -3.63 -24.93
N ASP A 54 12.31 -3.54 -25.53
CA ASP A 54 11.92 -2.34 -26.26
C ASP A 54 11.34 -1.30 -25.30
N THR A 55 11.81 -0.06 -25.44
CA THR A 55 11.45 0.98 -24.48
C THR A 55 9.99 1.40 -24.63
N ASP A 56 9.32 1.62 -23.49
CA ASP A 56 7.92 2.06 -23.42
C ASP A 56 6.99 1.06 -24.10
N LYS A 57 7.36 -0.23 -24.10
CA LYS A 57 6.54 -1.29 -24.69
C LYS A 57 6.45 -2.47 -23.72
N PHE A 58 5.33 -3.17 -23.75
CA PHE A 58 5.31 -4.48 -23.10
C PHE A 58 5.35 -5.58 -24.16
N TYR A 59 5.85 -6.76 -23.78
CA TYR A 59 5.98 -7.84 -24.76
C TYR A 59 5.04 -9.00 -24.47
N CYS A 60 4.07 -8.80 -23.59
CA CYS A 60 3.07 -9.81 -23.29
C CYS A 60 1.78 -9.10 -22.88
N VAL A 61 0.64 -9.54 -23.42
CA VAL A 61 -0.65 -8.99 -23.03
C VAL A 61 -1.53 -9.99 -22.31
N HIS A 62 -1.04 -11.22 -22.09
CA HIS A 62 -1.81 -12.24 -21.39
C HIS A 62 -1.86 -11.96 -19.89
N GLY A 63 -3.01 -12.24 -19.29
CA GLY A 63 -3.16 -12.08 -17.86
C GLY A 63 -4.48 -12.66 -17.41
N GLY A 64 -4.74 -12.54 -16.10
CA GLY A 64 -6.03 -12.92 -15.57
C GLY A 64 -6.83 -11.68 -15.30
N TYR A 65 -7.86 -11.41 -16.09
CA TYR A 65 -8.60 -10.16 -15.97
C TYR A 65 -10.03 -10.41 -15.54
N ILE A 66 -10.62 -9.36 -14.95
CA ILE A 66 -12.02 -9.37 -14.53
C ILE A 66 -12.82 -8.81 -15.69
N SER A 67 -13.61 -9.66 -16.35
CA SER A 67 -14.39 -9.25 -17.51
C SER A 67 -15.87 -9.24 -17.15
N ASP A 68 -16.58 -8.23 -17.66
CA ASP A 68 -18.05 -8.21 -17.65
C ASP A 68 -18.62 -8.25 -16.23
N PHE A 69 -17.95 -7.58 -15.30
CA PHE A 69 -18.47 -7.41 -13.95
C PHE A 69 -19.19 -6.06 -13.89
N ASN A 70 -20.45 -6.07 -13.45
CA ASN A 70 -21.26 -4.85 -13.37
C ASN A 70 -21.61 -4.67 -11.90
N PHE A 71 -20.93 -3.73 -11.26
CA PHE A 71 -21.08 -3.52 -9.82
C PHE A 71 -22.47 -2.95 -9.52
N ASP A 72 -23.13 -3.54 -8.53
CA ASP A 72 -24.39 -3.05 -8.00
C ASP A 72 -24.08 -2.18 -6.79
N ALA A 73 -24.27 -0.86 -6.94
CA ALA A 73 -23.91 0.12 -5.91
C ALA A 73 -24.97 0.29 -4.83
N SER A 74 -26.09 -0.43 -4.91
CA SER A 74 -27.17 -0.26 -3.96
C SER A 74 -26.94 -1.13 -2.72
N GLY A 75 -27.60 -0.75 -1.62
CA GLY A 75 -27.62 -1.60 -0.43
C GLY A 75 -26.47 -1.41 0.54
N TYR A 76 -25.62 -0.41 0.36
CA TYR A 76 -24.56 -0.11 1.32
C TYR A 76 -24.98 1.05 2.22
N GLN A 77 -24.13 1.35 3.20
CA GLN A 77 -24.42 2.47 4.10
C GLN A 77 -23.96 3.81 3.50
N LEU A 78 -23.37 3.79 2.32
CA LEU A 78 -23.01 4.97 1.56
C LEU A 78 -23.85 5.02 0.29
N ASP A 79 -24.13 6.24 -0.15
CA ASP A 79 -25.05 6.49 -1.25
C ASP A 79 -24.60 5.84 -2.56
N ASN A 80 -25.58 5.29 -3.27
CA ASN A 80 -25.36 4.60 -4.54
C ASN A 80 -24.55 5.46 -5.53
N ASP A 81 -24.93 6.71 -5.71
CA ASP A 81 -24.26 7.56 -6.70
C ASP A 81 -22.79 7.81 -6.35
N TYR A 82 -22.48 7.97 -5.06
CA TYR A 82 -21.08 8.10 -4.68
C TYR A 82 -20.30 6.83 -4.99
N LEU A 83 -20.81 5.66 -4.57
CA LEU A 83 -20.08 4.41 -4.81
C LEU A 83 -19.97 4.08 -6.29
N ALA A 84 -21.00 4.43 -7.08
CA ALA A 84 -20.95 4.20 -8.51
C ALA A 84 -19.82 4.96 -9.20
N GLY A 85 -19.36 6.06 -8.62
CA GLY A 85 -18.31 6.86 -9.21
C GLY A 85 -16.91 6.50 -8.76
N LEU A 86 -16.72 5.37 -8.10
CA LEU A 86 -15.41 4.96 -7.65
C LEU A 86 -14.83 3.87 -8.54
N ASP A 87 -13.51 3.75 -8.51
CA ASP A 87 -12.75 2.81 -9.33
C ASP A 87 -13.11 1.35 -9.03
N ASP A 88 -12.77 0.49 -9.99
CA ASP A 88 -12.81 -0.96 -9.77
C ASP A 88 -12.19 -1.36 -8.43
N LEU A 89 -11.06 -0.72 -8.08
CA LEU A 89 -10.42 -1.04 -6.81
C LEU A 89 -11.43 -1.01 -5.67
N ASN A 90 -12.16 0.09 -5.56
CA ASN A 90 -13.12 0.22 -4.47
C ASN A 90 -14.32 -0.69 -4.68
N GLN A 91 -14.83 -0.76 -5.90
CA GLN A 91 -16.06 -1.51 -6.15
C GLN A 91 -15.84 -3.00 -5.96
N TRP A 92 -14.70 -3.52 -6.42
CA TRP A 92 -14.45 -4.94 -6.24
C TRP A 92 -14.31 -5.29 -4.76
N GLY A 93 -13.65 -4.42 -3.98
CA GLY A 93 -13.53 -4.67 -2.54
C GLY A 93 -14.86 -4.60 -1.82
N LEU A 94 -15.72 -3.65 -2.20
CA LEU A 94 -17.07 -3.59 -1.65
C LEU A 94 -17.88 -4.84 -2.01
N TYR A 95 -17.77 -5.27 -3.26
CA TYR A 95 -18.49 -6.47 -3.69
C TYR A 95 -18.14 -7.68 -2.82
N VAL A 96 -16.84 -8.00 -2.68
CA VAL A 96 -16.49 -9.19 -1.91
C VAL A 96 -16.77 -9.00 -0.43
N THR A 97 -16.78 -7.76 0.08
CA THR A 97 -17.17 -7.54 1.47
C THR A 97 -18.64 -7.90 1.68
N LYS A 98 -19.53 -7.37 0.85
CA LYS A 98 -20.96 -7.65 0.96
C LYS A 98 -21.22 -9.14 0.82
N GLN A 99 -20.59 -9.77 -0.18
CA GLN A 99 -20.84 -11.18 -0.43
C GLN A 99 -20.33 -12.03 0.72
N ALA A 100 -19.16 -11.71 1.26
CA ALA A 100 -18.60 -12.50 2.35
C ALA A 100 -19.42 -12.34 3.61
N LEU A 101 -19.83 -11.12 3.95
CA LEU A 101 -20.65 -10.92 5.14
C LEU A 101 -22.02 -11.58 4.97
N THR A 102 -22.59 -11.48 3.78
CA THR A 102 -23.87 -12.14 3.53
C THR A 102 -23.73 -13.65 3.59
N ASP A 103 -22.61 -14.18 3.08
CA ASP A 103 -22.33 -15.61 3.20
C ASP A 103 -22.25 -16.03 4.66
N ALA A 104 -21.60 -15.23 5.50
CA ALA A 104 -21.47 -15.60 6.91
C ALA A 104 -22.75 -15.36 7.69
N GLY A 105 -23.67 -14.56 7.15
CA GLY A 105 -24.93 -14.29 7.83
C GLY A 105 -24.89 -13.08 8.73
N TYR A 106 -23.99 -12.13 8.47
CA TYR A 106 -23.81 -10.97 9.35
C TYR A 106 -23.94 -9.64 8.63
N TRP A 107 -24.37 -9.63 7.37
CA TRP A 107 -24.64 -8.37 6.70
C TRP A 107 -25.68 -7.57 7.47
N GLY A 108 -25.34 -6.35 7.87
CA GLY A 108 -26.27 -5.51 8.60
C GLY A 108 -26.48 -5.88 10.06
N SER A 109 -25.62 -6.73 10.61
CA SER A 109 -25.74 -7.18 12.00
C SER A 109 -25.13 -6.17 12.97
N THR A 110 -25.73 -6.07 14.16
CA THR A 110 -25.13 -5.25 15.21
C THR A 110 -23.79 -5.80 15.65
N ALA A 111 -23.52 -7.09 15.39
CA ALA A 111 -22.21 -7.66 15.65
C ALA A 111 -21.10 -6.95 14.88
N LEU A 112 -21.44 -6.27 13.79
CA LEU A 112 -20.42 -5.55 13.03
C LEU A 112 -19.79 -4.40 13.82
N GLU A 113 -20.41 -3.99 14.94
CA GLU A 113 -19.79 -2.99 15.80
C GLU A 113 -18.43 -3.43 16.29
N ASN A 114 -18.20 -4.73 16.43
CA ASN A 114 -16.92 -5.25 16.88
C ASN A 114 -16.19 -6.03 15.79
N CYS A 115 -16.39 -5.63 14.53
CA CYS A 115 -15.72 -6.25 13.39
C CYS A 115 -14.77 -5.25 12.75
N GLY A 116 -13.54 -5.68 12.47
CA GLY A 116 -12.57 -4.88 11.77
C GLY A 116 -12.31 -5.44 10.38
N VAL A 117 -11.41 -4.78 9.64
CA VAL A 117 -11.05 -5.25 8.30
C VAL A 117 -9.59 -4.92 8.02
N ILE A 118 -8.84 -5.90 7.50
CA ILE A 118 -7.47 -5.69 7.02
C ILE A 118 -7.42 -6.08 5.55
N LEU A 119 -6.95 -5.16 4.69
CA LEU A 119 -7.07 -5.30 3.25
C LEU A 119 -5.70 -5.24 2.61
N GLY A 120 -5.28 -6.31 1.93
CA GLY A 120 -4.08 -6.22 1.10
C GLY A 120 -4.37 -5.40 -0.16
N ASN A 121 -3.41 -4.55 -0.55
CA ASN A 121 -3.69 -3.61 -1.65
C ASN A 121 -2.37 -3.10 -2.23
N LEU A 122 -2.37 -2.85 -3.55
CA LEU A 122 -1.24 -2.25 -4.25
C LEU A 122 -1.24 -0.74 -4.10
N SER A 123 -0.05 -0.16 -3.95
CA SER A 123 0.10 1.29 -3.94
C SER A 123 0.42 1.82 -5.33
N PHE A 124 -0.28 1.33 -6.37
CA PHE A 124 -0.03 1.73 -7.76
C PHE A 124 -1.13 2.63 -8.28
N PRO A 125 -0.86 3.42 -9.32
CA PRO A 125 -1.95 4.14 -10.01
C PRO A 125 -3.05 3.17 -10.41
N THR A 126 -4.29 3.68 -10.42
CA THR A 126 -5.42 2.92 -10.91
C THR A 126 -5.94 3.56 -12.20
N LYS A 127 -6.90 2.89 -12.83
CA LYS A 127 -7.44 3.46 -14.06
C LYS A 127 -8.13 4.79 -13.79
N SER A 128 -8.68 4.98 -12.58
CA SER A 128 -9.35 6.22 -12.24
C SER A 128 -8.38 7.28 -11.71
N SER A 129 -7.39 6.90 -10.91
CA SER A 129 -6.50 7.93 -10.36
C SER A 129 -5.73 8.66 -11.47
N ASN A 130 -5.43 7.97 -12.57
CA ASN A 130 -4.80 8.59 -13.74
C ASN A 130 -5.56 9.82 -14.19
N GLN A 131 -6.90 9.76 -14.16
CA GLN A 131 -7.69 10.87 -14.70
C GLN A 131 -7.48 12.15 -13.93
N LEU A 132 -7.07 12.05 -12.66
CA LEU A 132 -6.90 13.23 -11.82
C LEU A 132 -5.56 13.93 -12.00
N PHE A 133 -4.57 13.29 -12.63
CA PHE A 133 -3.23 13.86 -12.67
C PHE A 133 -2.66 14.02 -14.07
N MET A 134 -3.02 13.16 -15.00
CA MET A 134 -2.48 13.28 -16.36
C MET A 134 -2.61 14.68 -16.95
N PRO A 135 -3.70 15.42 -16.77
CA PRO A 135 -3.80 16.73 -17.42
C PRO A 135 -2.74 17.71 -16.94
N LEU A 136 -2.20 17.55 -15.73
CA LEU A 136 -1.08 18.39 -15.30
C LEU A 136 0.08 18.29 -16.29
N TYR A 137 0.58 17.07 -16.50
CA TYR A 137 1.75 16.92 -17.36
C TYR A 137 1.43 17.24 -18.81
N HIS A 138 0.24 16.85 -19.26
CA HIS A 138 -0.04 16.92 -20.69
C HIS A 138 -0.43 18.33 -21.13
N GLN A 139 -0.98 19.15 -20.23
CA GLN A 139 -1.13 20.56 -20.57
C GLN A 139 0.23 21.20 -20.80
N VAL A 140 1.20 20.87 -19.94
CA VAL A 140 2.53 21.46 -20.10
C VAL A 140 3.17 20.96 -21.39
N VAL A 141 3.06 19.67 -21.69
CA VAL A 141 3.57 19.14 -22.96
C VAL A 141 2.89 19.84 -24.13
N ASP A 142 1.56 19.95 -24.08
CA ASP A 142 0.81 20.64 -25.14
C ASP A 142 1.35 22.03 -25.38
N ASN A 143 1.50 22.83 -24.31
CA ASN A 143 1.90 24.22 -24.49
C ASN A 143 3.33 24.33 -24.99
N ALA A 144 4.22 23.43 -24.56
CA ALA A 144 5.59 23.43 -25.08
C ALA A 144 5.60 23.14 -26.58
N LEU A 145 4.81 22.16 -27.02
CA LEU A 145 4.75 21.83 -28.44
C LEU A 145 4.12 22.94 -29.28
N LYS A 146 3.14 23.68 -28.73
CA LYS A 146 2.67 24.89 -29.39
C LYS A 146 3.82 25.86 -29.63
N ALA A 147 4.68 26.05 -28.62
CA ALA A 147 5.79 26.99 -28.76
C ALA A 147 6.81 26.51 -29.79
N VAL A 148 6.98 25.20 -29.92
CA VAL A 148 7.99 24.66 -30.82
C VAL A 148 7.47 24.55 -32.24
N LEU A 149 6.24 24.04 -32.41
CA LEU A 149 5.75 23.57 -33.72
C LEU A 149 4.80 24.54 -34.39
N HIS A 150 3.81 25.05 -33.66
CA HIS A 150 2.68 25.73 -34.26
C HIS A 150 1.76 26.18 -33.14
N PRO A 151 1.36 27.47 -33.14
CA PRO A 151 0.46 27.95 -32.09
C PRO A 151 -0.86 27.22 -32.03
N ASP A 152 -1.27 26.55 -33.10
CA ASP A 152 -2.51 25.79 -33.13
C ASP A 152 -2.30 24.30 -32.91
N PHE A 153 -1.08 23.87 -32.58
CA PHE A 153 -0.90 22.48 -32.19
C PHE A 153 -1.77 22.15 -30.98
N GLN A 154 -2.36 20.95 -30.99
CA GLN A 154 -3.17 20.48 -29.86
C GLN A 154 -2.81 19.04 -29.54
N LEU A 155 -2.45 18.78 -28.30
CA LEU A 155 -2.26 17.41 -27.86
C LEU A 155 -3.61 16.77 -27.56
N THR A 156 -3.72 15.48 -27.87
CA THR A 156 -4.94 14.76 -27.52
C THR A 156 -4.88 14.24 -26.08
N HIS A 157 -6.05 14.11 -25.46
CA HIS A 157 -6.12 13.52 -24.12
C HIS A 157 -5.65 12.06 -24.13
N TYR A 158 -5.07 11.61 -23.01
CA TYR A 158 -4.41 10.29 -22.99
C TYR A 158 -5.40 9.13 -23.19
N THR A 159 -6.64 9.29 -22.75
CA THR A 159 -7.71 8.30 -22.96
C THR A 159 -9.01 9.08 -22.99
N ALA A 160 -10.14 8.38 -23.13
CA ALA A 160 -11.40 9.11 -23.08
C ALA A 160 -11.51 9.79 -21.72
N PRO A 161 -11.70 11.11 -21.67
CA PRO A 161 -11.79 11.80 -20.37
C PRO A 161 -13.05 11.42 -19.63
N LYS A 162 -12.93 11.28 -18.30
CA LYS A 162 -14.09 11.02 -17.46
C LYS A 162 -14.02 11.91 -16.23
N LYS A 163 -15.16 12.51 -15.87
CA LYS A 163 -15.24 13.21 -14.60
C LYS A 163 -14.98 12.22 -13.48
N THR A 164 -14.04 12.57 -12.60
CA THR A 164 -13.51 11.61 -11.63
C THR A 164 -13.48 12.23 -10.24
N HIS A 165 -14.12 11.57 -9.28
CA HIS A 165 -14.14 12.03 -7.89
C HIS A 165 -12.74 11.93 -7.28
N ALA A 166 -12.35 13.00 -6.58
CA ALA A 166 -11.02 13.08 -5.96
C ALA A 166 -10.69 11.88 -5.07
N ASP A 167 -11.69 11.26 -4.44
CA ASP A 167 -11.39 10.13 -3.56
C ASP A 167 -10.73 8.98 -4.32
N ASN A 168 -10.86 8.93 -5.65
CA ASN A 168 -10.15 7.95 -6.45
C ASN A 168 -8.63 8.09 -6.41
N ALA A 169 -8.10 9.20 -5.89
CA ALA A 169 -6.65 9.28 -5.75
C ALA A 169 -6.15 8.72 -4.42
N LEU A 170 -7.05 8.37 -3.50
CA LEU A 170 -6.69 7.82 -2.19
C LEU A 170 -6.58 6.30 -2.34
N VAL A 171 -5.51 5.89 -3.01
CA VAL A 171 -5.48 4.52 -3.56
C VAL A 171 -5.13 3.51 -2.48
N ALA A 172 -4.12 3.79 -1.65
CA ALA A 172 -3.58 2.74 -0.78
C ALA A 172 -4.48 2.42 0.41
N GLY A 173 -4.83 3.42 1.21
CA GLY A 173 -5.48 3.14 2.48
C GLY A 173 -6.99 3.33 2.50
N TYR A 174 -7.49 4.36 1.83
CA TYR A 174 -8.92 4.65 1.86
C TYR A 174 -9.82 3.47 1.49
N PRO A 175 -9.46 2.56 0.57
CA PRO A 175 -10.37 1.44 0.29
C PRO A 175 -10.75 0.62 1.51
N ALA A 176 -9.82 0.46 2.46
CA ALA A 176 -10.17 -0.27 3.69
C ALA A 176 -11.12 0.54 4.56
N ALA A 177 -10.90 1.86 4.67
CA ALA A 177 -11.83 2.68 5.43
C ALA A 177 -13.18 2.78 4.75
N LEU A 178 -13.21 2.75 3.42
CA LEU A 178 -14.47 2.81 2.71
C LEU A 178 -15.28 1.54 2.94
N ILE A 179 -14.61 0.39 2.91
CA ILE A 179 -15.26 -0.86 3.26
C ILE A 179 -15.85 -0.79 4.67
N ALA A 180 -15.08 -0.26 5.62
CA ALA A 180 -15.58 -0.17 6.99
C ALA A 180 -16.82 0.69 7.07
N GLN A 181 -16.81 1.84 6.38
CA GLN A 181 -17.97 2.72 6.46
C GLN A 181 -19.16 2.14 5.71
N ALA A 182 -18.94 1.62 4.49
CA ALA A 182 -20.05 1.15 3.68
C ALA A 182 -20.72 -0.10 4.25
N ALA A 183 -19.99 -0.90 5.02
CA ALA A 183 -20.57 -2.08 5.66
C ALA A 183 -20.93 -1.85 7.11
N GLY A 184 -20.66 -0.66 7.67
CA GLY A 184 -21.00 -0.41 9.06
C GLY A 184 -20.13 -1.10 10.07
N LEU A 185 -18.85 -1.30 9.76
CA LEU A 185 -17.91 -1.92 10.70
C LEU A 185 -17.43 -0.93 11.76
N GLY A 186 -17.44 -1.35 13.02
CA GLY A 186 -16.99 -0.49 14.09
C GLY A 186 -15.61 -0.76 14.68
N GLY A 187 -14.86 -1.72 14.11
CA GLY A 187 -13.56 -2.09 14.63
C GLY A 187 -12.42 -1.47 13.84
N SER A 188 -11.21 -1.97 14.09
CA SER A 188 -10.01 -1.41 13.47
C SER A 188 -9.98 -1.72 11.97
N HIS A 189 -9.34 -0.84 11.21
CA HIS A 189 -9.22 -1.06 9.77
C HIS A 189 -7.96 -0.38 9.25
N PHE A 190 -7.28 -1.08 8.34
CA PHE A 190 -6.18 -0.50 7.58
C PHE A 190 -5.93 -1.38 6.37
N ALA A 191 -5.17 -0.85 5.42
CA ALA A 191 -4.65 -1.60 4.30
C ALA A 191 -3.17 -1.88 4.52
N LEU A 192 -2.67 -2.93 3.88
CA LEU A 192 -1.25 -3.24 3.95
C LEU A 192 -0.76 -3.70 2.59
N ASP A 193 0.56 -3.69 2.41
CA ASP A 193 1.21 -4.17 1.19
C ASP A 193 2.38 -5.04 1.62
N ALA A 194 2.33 -6.31 1.26
CA ALA A 194 3.45 -7.24 1.35
C ALA A 194 3.65 -7.92 -0.02
N ALA A 195 3.40 -7.18 -1.10
CA ALA A 195 3.48 -7.66 -2.50
C ALA A 195 2.66 -8.95 -2.60
N CYS A 196 3.19 -10.02 -3.21
CA CYS A 196 2.46 -11.24 -3.50
C CYS A 196 1.95 -11.94 -2.24
N ALA A 197 2.44 -11.58 -1.07
CA ALA A 197 2.03 -12.23 0.16
C ALA A 197 0.95 -11.47 0.92
N SER A 198 0.47 -10.34 0.38
CA SER A 198 -0.41 -9.46 1.15
C SER A 198 -1.68 -10.16 1.62
N SER A 199 -2.24 -11.09 0.82
CA SER A 199 -3.48 -11.76 1.25
C SER A 199 -3.28 -12.56 2.52
N CYS A 200 -2.17 -13.29 2.62
CA CYS A 200 -1.95 -14.08 3.81
C CYS A 200 -1.43 -13.26 4.97
N TYR A 201 -0.71 -12.16 4.69
CA TYR A 201 -0.42 -11.20 5.75
C TYR A 201 -1.71 -10.66 6.37
N SER A 202 -2.68 -10.29 5.52
CA SER A 202 -3.94 -9.76 6.05
C SER A 202 -4.68 -10.78 6.91
N VAL A 203 -4.73 -12.03 6.45
CA VAL A 203 -5.43 -13.07 7.23
C VAL A 203 -4.72 -13.31 8.55
N LYS A 204 -3.40 -13.46 8.52
CA LYS A 204 -2.63 -13.71 9.74
C LYS A 204 -2.79 -12.55 10.73
N LEU A 205 -2.65 -11.31 10.27
CA LEU A 205 -2.80 -10.20 11.20
C LEU A 205 -4.24 -10.07 11.70
N ALA A 206 -5.21 -10.44 10.89
CA ALA A 206 -6.59 -10.38 11.36
C ALA A 206 -6.83 -11.43 12.45
N CYS A 207 -6.24 -12.63 12.29
CA CYS A 207 -6.25 -13.60 13.38
C CYS A 207 -5.61 -13.04 14.64
N ASP A 208 -4.48 -12.34 14.50
CA ASP A 208 -3.84 -11.70 15.66
C ASP A 208 -4.78 -10.75 16.38
N TYR A 209 -5.55 -9.96 15.62
CA TYR A 209 -6.46 -9.02 16.26
C TYR A 209 -7.57 -9.76 16.99
N LEU A 210 -8.00 -10.92 16.47
CA LEU A 210 -8.93 -11.76 17.21
C LEU A 210 -8.30 -12.31 18.49
N HIS A 211 -7.02 -12.68 18.44
CA HIS A 211 -6.38 -13.29 19.61
C HIS A 211 -6.17 -12.29 20.74
N THR A 212 -5.97 -11.01 20.42
CA THR A 212 -5.81 -10.03 21.49
C THR A 212 -7.13 -9.44 21.92
N GLY A 213 -8.24 -9.84 21.30
CA GLY A 213 -9.51 -9.24 21.65
C GLY A 213 -9.71 -7.83 21.15
N LYS A 214 -8.88 -7.35 20.22
CA LYS A 214 -9.13 -6.07 19.59
C LYS A 214 -10.40 -6.08 18.77
N ALA A 215 -10.89 -7.27 18.40
CA ALA A 215 -12.12 -7.44 17.66
C ALA A 215 -12.72 -8.79 18.03
N ASN A 216 -14.02 -8.93 17.74
CA ASN A 216 -14.72 -10.21 17.88
C ASN A 216 -15.05 -10.85 16.54
N MET A 217 -14.86 -10.12 15.45
CA MET A 217 -14.96 -10.62 14.10
C MET A 217 -13.99 -9.81 13.26
N MET A 218 -13.41 -10.44 12.24
CA MET A 218 -12.54 -9.71 11.32
C MET A 218 -12.85 -10.08 9.88
N LEU A 219 -12.86 -9.07 9.01
CA LEU A 219 -12.75 -9.28 7.56
C LEU A 219 -11.28 -9.23 7.17
N ALA A 220 -10.86 -10.20 6.37
CA ALA A 220 -9.49 -10.19 5.86
C ALA A 220 -9.52 -10.55 4.39
N GLY A 221 -8.82 -9.78 3.59
CA GLY A 221 -8.89 -9.98 2.16
C GLY A 221 -7.89 -9.12 1.46
N ALA A 222 -8.05 -9.00 0.14
CA ALA A 222 -7.12 -8.22 -0.67
C ALA A 222 -7.77 -7.88 -2.00
N VAL A 223 -7.19 -6.89 -2.67
CA VAL A 223 -7.66 -6.42 -3.96
C VAL A 223 -6.41 -6.06 -4.77
N SER A 224 -6.45 -6.40 -6.05
CA SER A 224 -5.43 -6.07 -7.02
C SER A 224 -6.17 -5.45 -8.20
N ALA A 225 -6.13 -4.12 -8.31
CA ALA A 225 -6.84 -3.40 -9.37
C ALA A 225 -6.03 -2.20 -9.85
N ALA A 226 -4.72 -2.36 -9.92
CA ALA A 226 -3.88 -1.32 -10.48
C ALA A 226 -4.11 -1.16 -11.98
N ASP A 227 -3.72 -0.01 -12.50
CA ASP A 227 -3.72 0.27 -13.93
C ASP A 227 -2.93 -0.84 -14.63
N PRO A 228 -3.60 -1.66 -15.44
CA PRO A 228 -2.88 -2.76 -16.13
C PRO A 228 -1.70 -2.31 -16.96
N MET A 229 -1.73 -1.09 -17.53
CA MET A 229 -0.56 -0.63 -18.28
C MET A 229 0.64 -0.45 -17.37
N PHE A 230 0.40 0.08 -16.16
CA PHE A 230 1.48 0.25 -15.19
C PHE A 230 2.04 -1.11 -14.76
N VAL A 231 1.14 -2.09 -14.55
CA VAL A 231 1.56 -3.43 -14.13
C VAL A 231 2.36 -4.11 -15.24
N ASN A 232 1.86 -4.05 -16.46
CA ASN A 232 2.48 -4.83 -17.52
C ASN A 232 3.79 -4.21 -17.99
N MET A 233 3.88 -2.88 -17.97
CA MET A 233 5.18 -2.25 -18.21
C MET A 233 6.20 -2.68 -17.17
N GLY A 234 5.77 -2.83 -15.91
CA GLY A 234 6.68 -3.28 -14.88
C GLY A 234 7.18 -4.69 -15.11
N PHE A 235 6.27 -5.63 -15.34
CA PHE A 235 6.72 -7.00 -15.55
C PHE A 235 7.49 -7.13 -16.86
N SER A 236 7.27 -6.23 -17.82
CA SER A 236 8.11 -6.25 -19.01
C SER A 236 9.53 -5.78 -18.69
N ILE A 237 9.69 -4.72 -17.89
CA ILE A 237 11.06 -4.28 -17.60
C ILE A 237 11.76 -5.27 -16.66
N PHE A 238 11.01 -5.95 -15.80
CA PHE A 238 11.56 -7.03 -15.00
C PHE A 238 11.87 -8.28 -15.83
N GLN A 239 11.45 -8.33 -17.10
CA GLN A 239 11.56 -9.52 -17.95
C GLN A 239 10.92 -10.74 -17.28
N ALA A 240 9.77 -10.52 -16.63
CA ALA A 240 9.10 -11.58 -15.89
C ALA A 240 8.12 -12.38 -16.73
N TYR A 241 7.72 -11.87 -17.90
CA TYR A 241 6.85 -12.60 -18.83
C TYR A 241 7.65 -13.65 -19.60
N PRO A 242 7.04 -14.80 -19.92
CA PRO A 242 7.81 -15.90 -20.54
C PRO A 242 8.12 -15.62 -22.01
N ALA A 243 9.39 -15.77 -22.38
CA ALA A 243 9.79 -15.52 -23.76
C ALA A 243 9.15 -16.52 -24.71
N ASN A 244 8.94 -17.76 -24.27
CA ASN A 244 8.26 -18.76 -25.10
C ASN A 244 6.73 -18.75 -24.91
N ASN A 245 6.19 -17.75 -24.22
CA ASN A 245 4.76 -17.61 -23.97
C ASN A 245 4.18 -18.78 -23.17
N VAL A 246 5.01 -19.51 -22.42
CA VAL A 246 4.55 -20.61 -21.58
C VAL A 246 4.57 -20.16 -20.13
N HIS A 247 3.37 -20.00 -19.55
CA HIS A 247 3.18 -19.73 -18.12
C HIS A 247 2.57 -20.99 -17.51
N ALA A 248 3.39 -21.77 -16.81
CA ALA A 248 2.96 -23.10 -16.37
C ALA A 248 3.64 -23.43 -15.06
N PRO A 249 3.04 -23.04 -13.93
CA PRO A 249 3.66 -23.31 -12.63
C PRO A 249 4.01 -24.78 -12.47
N PHE A 250 5.22 -25.04 -12.00
CA PHE A 250 5.83 -26.35 -11.73
C PHE A 250 6.33 -27.04 -13.00
N ASP A 251 6.10 -26.47 -14.19
CA ASP A 251 6.45 -27.16 -15.43
C ASP A 251 7.85 -26.75 -15.88
N GLN A 252 8.63 -27.74 -16.35
CA GLN A 252 9.99 -27.50 -16.81
C GLN A 252 10.06 -26.44 -17.91
N ASN A 253 9.01 -26.30 -18.72
CA ASN A 253 9.05 -25.42 -19.88
C ASN A 253 8.57 -24.00 -19.58
N SER A 254 8.06 -23.76 -18.37
CA SER A 254 7.62 -22.43 -17.98
C SER A 254 8.78 -21.45 -17.98
N GLN A 255 8.57 -20.28 -18.58
CA GLN A 255 9.62 -19.27 -18.57
C GLN A 255 9.25 -17.97 -17.88
N GLY A 256 8.13 -17.93 -17.15
CA GLY A 256 7.69 -16.69 -16.56
C GLY A 256 6.27 -16.79 -16.06
N LEU A 257 5.73 -15.64 -15.67
CA LEU A 257 4.38 -15.55 -15.15
C LEU A 257 3.52 -14.66 -16.05
N PHE A 258 2.21 -14.80 -15.87
CA PHE A 258 1.23 -13.80 -16.28
C PHE A 258 0.62 -13.20 -15.02
N ALA A 259 0.40 -11.89 -15.03
CA ALA A 259 -0.17 -11.19 -13.89
C ALA A 259 -1.70 -11.19 -13.98
N GLY A 260 -2.37 -10.64 -12.96
CA GLY A 260 -3.81 -10.74 -12.89
C GLY A 260 -4.37 -9.73 -11.91
N GLU A 261 -5.70 -9.71 -11.81
CA GLU A 261 -6.40 -8.75 -10.99
C GLU A 261 -7.60 -9.45 -10.36
N GLY A 262 -8.19 -8.81 -9.34
CA GLY A 262 -9.37 -9.32 -8.70
C GLY A 262 -9.34 -9.01 -7.23
N ALA A 263 -10.20 -9.72 -6.48
CA ALA A 263 -10.39 -9.42 -5.06
C ALA A 263 -10.95 -10.66 -4.35
N GLY A 264 -10.69 -10.73 -3.05
CA GLY A 264 -11.26 -11.77 -2.22
C GLY A 264 -11.45 -11.29 -0.80
N MET A 265 -12.37 -11.94 -0.09
CA MET A 265 -12.59 -11.57 1.31
C MET A 265 -13.01 -12.79 2.10
N MET A 266 -12.53 -12.88 3.34
CA MET A 266 -12.97 -13.93 4.27
C MET A 266 -13.42 -13.29 5.58
N VAL A 267 -14.37 -13.97 6.25
CA VAL A 267 -14.87 -13.54 7.56
C VAL A 267 -14.34 -14.52 8.60
N LEU A 268 -13.67 -13.99 9.64
CA LEU A 268 -12.98 -14.78 10.65
C LEU A 268 -13.56 -14.54 12.04
N LYS A 269 -13.68 -15.63 12.82
CA LYS A 269 -14.05 -15.53 14.23
C LYS A 269 -13.25 -16.55 15.02
N ARG A 270 -13.05 -16.27 16.32
CA ARG A 270 -12.51 -17.31 17.19
C ARG A 270 -13.45 -18.51 17.17
N GLN A 271 -12.87 -19.72 17.12
CA GLN A 271 -13.70 -20.91 16.96
C GLN A 271 -14.74 -21.04 18.07
N SER A 272 -14.37 -20.68 19.30
CA SER A 272 -15.33 -20.71 20.41
C SER A 272 -16.58 -19.90 20.09
N ASP A 273 -16.41 -18.70 19.53
CA ASP A 273 -17.56 -17.87 19.21
C ASP A 273 -18.32 -18.42 18.01
N ALA A 274 -17.60 -18.98 17.03
CA ALA A 274 -18.28 -19.52 15.85
C ALA A 274 -19.14 -20.72 16.20
N VAL A 275 -18.66 -21.58 17.09
CA VAL A 275 -19.46 -22.73 17.51
C VAL A 275 -20.64 -22.28 18.35
N ARG A 276 -20.41 -21.33 19.26
CA ARG A 276 -21.48 -20.81 20.11
C ARG A 276 -22.60 -20.20 19.27
N ASP A 277 -22.24 -19.46 18.21
CA ASP A 277 -23.23 -18.71 17.44
C ASP A 277 -23.82 -19.51 16.29
N GLY A 278 -23.39 -20.75 16.07
CA GLY A 278 -23.98 -21.57 15.03
C GLY A 278 -23.58 -21.21 13.62
N ASP A 279 -22.39 -20.65 13.44
CA ASP A 279 -21.93 -20.27 12.11
C ASP A 279 -21.53 -21.50 11.29
N HIS A 280 -21.60 -21.35 9.97
CA HIS A 280 -21.03 -22.35 9.08
C HIS A 280 -19.52 -22.16 9.05
N ILE A 281 -18.77 -23.22 9.38
CA ILE A 281 -17.31 -23.17 9.40
C ILE A 281 -16.79 -23.82 8.12
N TYR A 282 -16.05 -23.04 7.31
CA TYR A 282 -15.44 -23.59 6.10
C TYR A 282 -14.16 -24.35 6.42
N ALA A 283 -13.39 -23.85 7.37
CA ALA A 283 -12.10 -24.43 7.68
C ALA A 283 -11.61 -23.78 8.96
N ILE A 284 -10.60 -24.39 9.55
CA ILE A 284 -9.94 -23.89 10.75
C ILE A 284 -8.55 -23.40 10.36
N ILE A 285 -8.23 -22.17 10.76
CA ILE A 285 -6.86 -21.68 10.66
C ILE A 285 -6.17 -22.11 11.96
N LYS A 286 -5.26 -23.07 11.84
CA LYS A 286 -4.63 -23.67 13.01
C LYS A 286 -3.46 -22.83 13.49
N GLY A 287 -2.81 -22.13 12.56
CA GLY A 287 -1.70 -21.27 12.92
C GLY A 287 -1.05 -20.75 11.66
N GLY A 288 0.05 -20.04 11.86
CA GLY A 288 0.80 -19.55 10.73
C GLY A 288 1.83 -18.55 11.19
N ALA A 289 2.58 -18.02 10.22
CA ALA A 289 3.68 -17.15 10.57
C ALA A 289 4.05 -16.27 9.39
N LEU A 290 4.73 -15.19 9.71
CA LEU A 290 5.32 -14.29 8.75
C LEU A 290 6.84 -14.26 8.95
N SER A 291 7.54 -13.90 7.90
CA SER A 291 8.98 -13.70 8.00
C SER A 291 9.45 -12.86 6.82
N ASN A 292 10.61 -12.27 6.99
CA ASN A 292 11.32 -11.65 5.87
C ASN A 292 12.60 -12.41 5.59
N ASP A 293 12.98 -12.44 4.30
CA ASP A 293 14.21 -13.12 3.88
C ASP A 293 15.46 -12.46 4.43
N GLY A 294 15.39 -11.22 4.86
CA GLY A 294 16.61 -10.55 5.31
C GLY A 294 17.61 -10.40 4.18
N LYS A 295 18.88 -10.57 4.54
CA LYS A 295 20.00 -10.27 3.64
C LYS A 295 20.30 -11.44 2.73
N GLY A 296 20.70 -11.14 1.49
CA GLY A 296 21.30 -12.14 0.63
C GLY A 296 20.93 -12.09 -0.85
N GLU A 297 19.75 -11.56 -1.16
CA GLU A 297 19.24 -11.60 -2.52
C GLU A 297 18.74 -10.22 -2.94
N PHE A 298 18.79 -10.00 -4.26
CA PHE A 298 18.15 -8.86 -4.90
C PHE A 298 16.68 -8.78 -4.47
N VAL A 299 16.11 -7.57 -4.53
CA VAL A 299 14.76 -7.37 -3.97
C VAL A 299 13.69 -8.20 -4.68
N LEU A 300 13.94 -8.69 -5.89
CA LEU A 300 12.95 -9.47 -6.61
C LEU A 300 13.18 -10.97 -6.53
N SER A 301 14.25 -11.43 -5.89
CA SER A 301 14.62 -12.84 -5.93
C SER A 301 14.39 -13.52 -4.59
N PRO A 302 13.78 -14.70 -4.56
CA PRO A 302 13.50 -15.37 -3.28
C PRO A 302 14.75 -15.99 -2.67
N ASN A 303 14.72 -16.10 -1.34
CA ASN A 303 15.82 -16.63 -0.54
C ASN A 303 15.30 -17.84 0.21
N THR A 304 15.91 -19.00 -0.05
CA THR A 304 15.40 -20.20 0.59
C THR A 304 15.48 -20.12 2.12
N LYS A 305 16.43 -19.36 2.66
CA LYS A 305 16.55 -19.32 4.13
C LYS A 305 15.31 -18.71 4.78
N GLY A 306 14.74 -17.66 4.19
CA GLY A 306 13.53 -17.08 4.75
C GLY A 306 12.33 -17.98 4.60
N GLN A 307 12.28 -18.77 3.52
CA GLN A 307 11.14 -19.67 3.32
C GLN A 307 11.16 -20.83 4.31
N VAL A 308 12.30 -21.48 4.50
CA VAL A 308 12.39 -22.50 5.54
C VAL A 308 12.02 -21.90 6.89
N LEU A 309 12.50 -20.67 7.17
CA LEU A 309 12.20 -20.06 8.46
C LEU A 309 10.70 -19.89 8.67
N VAL A 310 9.97 -19.41 7.65
CA VAL A 310 8.54 -19.21 7.88
C VAL A 310 7.82 -20.55 8.09
N TYR A 311 8.29 -21.62 7.44
CA TYR A 311 7.73 -22.95 7.71
C TYR A 311 7.93 -23.33 9.17
N GLU A 312 9.16 -23.18 9.67
CA GLU A 312 9.44 -23.52 11.06
C GLU A 312 8.54 -22.74 11.99
N ARG A 313 8.44 -21.42 11.78
CA ARG A 313 7.63 -20.57 12.65
C ARG A 313 6.16 -20.92 12.56
N ALA A 314 5.68 -21.35 11.38
CA ALA A 314 4.25 -21.60 11.20
C ALA A 314 3.81 -22.87 11.92
N TYR A 315 4.57 -23.96 11.77
CA TYR A 315 4.14 -25.21 12.40
C TYR A 315 4.35 -25.16 13.90
N ALA A 316 5.36 -24.43 14.37
CA ALA A 316 5.45 -24.12 15.80
C ALA A 316 4.23 -23.34 16.27
N ASP A 317 3.82 -22.31 15.51
CA ASP A 317 2.67 -21.52 15.94
C ASP A 317 1.40 -22.35 15.94
N ALA A 318 1.24 -23.22 14.94
CA ALA A 318 0.05 -24.07 14.84
C ALA A 318 0.09 -25.21 15.86
N ASP A 319 1.25 -25.49 16.42
CA ASP A 319 1.46 -26.69 17.25
C ASP A 319 1.06 -27.95 16.48
N VAL A 320 1.48 -28.03 15.23
CA VAL A 320 1.11 -29.11 14.32
C VAL A 320 2.38 -29.77 13.82
N ASP A 321 2.42 -31.09 13.89
CA ASP A 321 3.54 -31.85 13.35
C ASP A 321 3.57 -31.73 11.83
N PRO A 322 4.67 -31.27 11.23
CA PRO A 322 4.74 -31.17 9.77
C PRO A 322 4.57 -32.50 9.06
N SER A 323 4.68 -33.63 9.78
CA SER A 323 4.39 -34.95 9.21
C SER A 323 2.94 -35.10 8.79
N THR A 324 2.04 -34.31 9.36
CA THR A 324 0.62 -34.48 9.13
C THR A 324 0.08 -33.68 7.96
N VAL A 325 0.91 -32.85 7.33
CA VAL A 325 0.44 -31.98 6.23
C VAL A 325 0.24 -32.82 4.97
N ASP A 326 -0.96 -32.75 4.41
CA ASP A 326 -1.32 -33.57 3.25
C ASP A 326 -1.14 -32.85 1.92
N TYR A 327 -1.31 -31.54 1.90
CA TYR A 327 -1.36 -30.79 0.66
C TYR A 327 -0.85 -29.38 0.96
N ILE A 328 -0.10 -28.80 0.03
CA ILE A 328 0.35 -27.42 0.15
C ILE A 328 -0.04 -26.67 -1.11
N GLU A 329 -0.76 -25.57 -0.95
CA GLU A 329 -1.01 -24.67 -2.07
C GLU A 329 0.19 -23.75 -2.16
N CYS A 330 0.98 -23.90 -3.21
CA CYS A 330 2.28 -23.26 -3.30
C CYS A 330 2.19 -21.87 -3.90
N HIS A 331 3.26 -21.11 -3.69
CA HIS A 331 3.36 -19.79 -4.30
C HIS A 331 3.58 -19.87 -5.81
N ALA A 332 4.27 -20.94 -6.26
CA ALA A 332 4.63 -21.22 -7.66
C ALA A 332 3.96 -20.36 -8.73
N THR A 333 4.69 -19.37 -9.25
CA THR A 333 4.13 -18.45 -10.23
C THR A 333 4.39 -18.88 -11.66
N GLY A 334 5.28 -19.83 -11.89
CA GLY A 334 5.76 -20.15 -13.22
C GLY A 334 7.12 -19.57 -13.55
N THR A 335 7.64 -18.67 -12.72
CA THR A 335 9.00 -18.17 -12.90
C THR A 335 9.99 -19.28 -12.51
N PRO A 336 10.95 -19.61 -13.39
CA PRO A 336 11.85 -20.75 -13.08
C PRO A 336 12.61 -20.59 -11.78
N LYS A 337 13.27 -19.43 -11.58
CA LYS A 337 14.05 -19.23 -10.37
C LYS A 337 13.20 -19.45 -9.13
N GLY A 338 12.00 -18.87 -9.11
CA GLY A 338 11.13 -18.98 -7.93
C GLY A 338 10.55 -20.36 -7.74
N ASP A 339 10.17 -21.03 -8.83
CA ASP A 339 9.62 -22.39 -8.69
C ASP A 339 10.66 -23.32 -8.07
N ASN A 340 11.92 -23.21 -8.51
CA ASN A 340 12.96 -24.10 -8.01
C ASN A 340 13.34 -23.78 -6.57
N VAL A 341 13.38 -22.49 -6.21
CA VAL A 341 13.70 -22.14 -4.83
C VAL A 341 12.63 -22.64 -3.88
N GLU A 342 11.35 -22.48 -4.23
CA GLU A 342 10.28 -22.98 -3.36
C GLU A 342 10.33 -24.50 -3.22
N LEU A 343 10.66 -25.21 -4.31
CA LEU A 343 10.78 -26.66 -4.21
C LEU A 343 11.96 -27.05 -3.33
N ARG A 344 13.04 -26.29 -3.38
CA ARG A 344 14.18 -26.56 -2.50
C ARG A 344 13.80 -26.33 -1.04
N SER A 345 13.13 -25.20 -0.76
CA SER A 345 12.70 -24.89 0.59
C SER A 345 11.82 -25.99 1.16
N MET A 346 10.85 -26.46 0.37
CA MET A 346 9.96 -27.50 0.87
C MET A 346 10.70 -28.82 1.06
N GLU A 347 11.66 -29.10 0.17
CA GLU A 347 12.46 -30.31 0.33
C GLU A 347 13.25 -30.25 1.63
N THR A 348 13.91 -29.13 1.88
CA THR A 348 14.71 -28.97 3.09
C THR A 348 13.87 -29.21 4.34
N PHE A 349 12.66 -28.63 4.38
CA PHE A 349 11.87 -28.66 5.61
C PHE A 349 11.15 -29.98 5.80
N PHE A 350 10.40 -30.44 4.79
CA PHE A 350 9.56 -31.62 5.01
C PHE A 350 10.36 -32.93 4.98
N SER A 351 11.56 -32.94 4.41
CA SER A 351 12.36 -34.14 4.49
C SER A 351 12.80 -34.44 5.92
N ARG A 352 12.80 -33.44 6.81
CA ARG A 352 13.14 -33.65 8.21
C ARG A 352 12.15 -34.60 8.90
N VAL A 353 10.92 -34.68 8.40
CA VAL A 353 9.91 -35.57 8.95
C VAL A 353 9.49 -36.63 7.95
N ASN A 354 10.18 -36.72 6.82
CA ASN A 354 9.91 -37.71 5.79
C ASN A 354 8.47 -37.64 5.28
N ASN A 355 8.00 -36.42 5.04
CA ASN A 355 6.68 -36.21 4.48
C ASN A 355 6.78 -35.64 3.07
N LYS A 356 5.89 -36.07 2.20
CA LYS A 356 5.85 -35.62 0.81
C LYS A 356 4.43 -35.21 0.50
N PRO A 357 3.98 -34.06 0.99
CA PRO A 357 2.61 -33.63 0.71
C PRO A 357 2.40 -33.39 -0.78
N LEU A 358 1.14 -33.53 -1.18
CA LEU A 358 0.75 -33.11 -2.51
C LEU A 358 0.94 -31.61 -2.66
N LEU A 359 1.17 -31.15 -3.89
CA LEU A 359 1.49 -29.75 -4.17
C LEU A 359 0.65 -29.25 -5.33
N GLY A 360 0.33 -27.95 -5.31
CA GLY A 360 -0.51 -27.41 -6.37
C GLY A 360 -0.40 -25.90 -6.42
N SER A 361 -0.90 -25.33 -7.53
CA SER A 361 -0.90 -23.87 -7.72
C SER A 361 -2.07 -23.42 -8.57
N VAL A 362 -2.97 -22.64 -7.97
CA VAL A 362 -4.08 -22.01 -8.69
C VAL A 362 -3.61 -20.85 -9.57
N LYS A 363 -2.34 -20.45 -9.48
CA LYS A 363 -1.84 -19.49 -10.46
C LYS A 363 -1.88 -20.06 -11.86
N SER A 364 -1.87 -21.40 -11.99
CA SER A 364 -1.98 -22.01 -13.31
C SER A 364 -3.29 -21.65 -13.99
N ASN A 365 -4.40 -21.60 -13.22
CA ASN A 365 -5.71 -21.31 -13.80
C ASN A 365 -5.90 -19.81 -14.02
N LEU A 366 -5.41 -18.98 -13.09
CA LEU A 366 -5.83 -17.59 -12.99
C LEU A 366 -4.77 -16.56 -13.35
N GLY A 367 -3.51 -16.95 -13.39
CA GLY A 367 -2.42 -16.01 -13.34
C GLY A 367 -2.08 -15.63 -11.91
N HIS A 368 -1.12 -14.71 -11.79
CA HIS A 368 -0.63 -14.23 -10.49
C HIS A 368 -1.38 -12.95 -10.14
N LEU A 369 -2.29 -13.03 -9.18
CA LEU A 369 -3.16 -11.90 -8.83
C LEU A 369 -2.47 -10.87 -7.93
N LEU A 370 -1.14 -10.90 -7.80
CA LEU A 370 -0.37 -9.84 -7.12
C LEU A 370 -0.82 -9.76 -5.66
N THR A 371 -1.26 -8.58 -5.16
CA THR A 371 -1.63 -8.50 -3.75
C THR A 371 -2.77 -9.43 -3.40
N ALA A 372 -3.59 -9.82 -4.37
CA ALA A 372 -4.69 -10.72 -4.12
C ALA A 372 -4.35 -12.19 -4.38
N ALA A 373 -3.08 -12.51 -4.65
CA ALA A 373 -2.76 -13.86 -5.11
C ALA A 373 -3.08 -14.92 -4.07
N GLY A 374 -2.91 -14.60 -2.78
CA GLY A 374 -3.22 -15.58 -1.78
C GLY A 374 -4.70 -15.90 -1.67
N MET A 375 -5.58 -15.00 -2.11
CA MET A 375 -7.02 -15.25 -1.94
C MET A 375 -7.48 -16.50 -2.68
N PRO A 376 -7.25 -16.68 -4.00
CA PRO A 376 -7.67 -17.95 -4.63
C PRO A 376 -6.93 -19.15 -4.07
N GLY A 377 -5.67 -19.01 -3.67
CA GLY A 377 -4.96 -20.12 -3.05
C GLY A 377 -5.62 -20.57 -1.77
N MET A 378 -5.89 -19.63 -0.85
CA MET A 378 -6.55 -20.00 0.40
C MET A 378 -7.96 -20.51 0.16
N THR A 379 -8.67 -19.92 -0.80
CA THR A 379 -10.03 -20.38 -1.08
C THR A 379 -10.01 -21.82 -1.60
N LYS A 380 -9.10 -22.11 -2.54
CA LYS A 380 -8.95 -23.47 -3.05
C LYS A 380 -8.65 -24.45 -1.92
N ALA A 381 -7.72 -24.10 -1.03
CA ALA A 381 -7.34 -25.03 0.03
C ALA A 381 -8.48 -25.24 1.03
N MET A 382 -9.17 -24.16 1.41
CA MET A 382 -10.27 -24.32 2.36
C MET A 382 -11.43 -25.11 1.76
N LEU A 383 -11.72 -24.90 0.48
CA LEU A 383 -12.79 -25.69 -0.14
C LEU A 383 -12.35 -27.14 -0.31
N ALA A 384 -11.07 -27.37 -0.62
CA ALA A 384 -10.56 -28.73 -0.75
C ALA A 384 -10.60 -29.47 0.57
N LEU A 385 -10.26 -28.77 1.67
CA LEU A 385 -10.31 -29.37 2.99
C LEU A 385 -11.73 -29.77 3.38
N GLY A 386 -12.71 -28.95 3.02
CA GLY A 386 -14.09 -29.27 3.37
C GLY A 386 -14.70 -30.37 2.53
N LYS A 387 -14.32 -30.44 1.25
CA LYS A 387 -14.91 -31.38 0.31
C LYS A 387 -14.10 -32.67 0.14
N GLY A 388 -12.86 -32.73 0.65
CA GLY A 388 -12.07 -33.93 0.49
C GLY A 388 -11.57 -34.22 -0.91
N LEU A 389 -11.50 -33.22 -1.78
CA LEU A 389 -11.02 -33.35 -3.15
C LEU A 389 -9.98 -32.29 -3.42
N ILE A 390 -8.97 -32.64 -4.23
CA ILE A 390 -7.93 -31.69 -4.62
C ILE A 390 -7.97 -31.47 -6.12
N PRO A 391 -8.26 -30.26 -6.59
CA PRO A 391 -8.26 -30.00 -8.02
C PRO A 391 -6.86 -30.03 -8.62
N ALA A 392 -6.83 -30.18 -9.94
CA ALA A 392 -5.58 -30.22 -10.69
C ALA A 392 -4.91 -28.84 -10.75
N THR A 393 -3.59 -28.87 -10.91
CA THR A 393 -2.84 -27.76 -11.48
C THR A 393 -2.83 -27.97 -12.99
N ILE A 394 -3.30 -26.97 -13.74
CA ILE A 394 -3.47 -27.15 -15.19
C ILE A 394 -2.18 -26.82 -15.92
N ASN A 395 -2.08 -27.29 -17.18
CA ASN A 395 -0.97 -27.04 -18.11
C ASN A 395 0.35 -27.63 -17.63
N LEU A 396 0.30 -28.59 -16.73
CA LEU A 396 1.49 -29.19 -16.16
C LEU A 396 1.72 -30.52 -16.85
N LYS A 397 2.68 -30.57 -17.78
CA LYS A 397 2.95 -31.76 -18.58
C LYS A 397 4.29 -32.41 -18.27
N GLN A 398 5.33 -31.62 -18.03
CA GLN A 398 6.66 -32.13 -17.69
C GLN A 398 7.13 -31.46 -16.40
N PRO A 399 6.84 -32.05 -15.25
CA PRO A 399 7.05 -31.35 -13.97
C PRO A 399 8.52 -31.24 -13.56
N LEU A 400 8.83 -30.15 -12.86
CA LEU A 400 10.14 -30.05 -12.23
C LEU A 400 10.26 -31.08 -11.11
N GLN A 401 11.49 -31.28 -10.65
CA GLN A 401 11.74 -31.96 -9.39
C GLN A 401 12.58 -31.07 -8.50
N SER A 402 12.50 -31.29 -7.18
CA SER A 402 13.30 -30.47 -6.27
C SER A 402 14.80 -30.76 -6.47
N LYS A 403 15.63 -29.96 -5.80
CA LYS A 403 17.07 -30.05 -6.01
C LYS A 403 17.59 -31.48 -5.91
N ASN A 404 17.13 -32.24 -4.91
CA ASN A 404 17.64 -33.59 -4.65
C ASN A 404 16.61 -34.66 -4.97
N GLY A 405 15.68 -34.39 -5.89
CA GLY A 405 14.70 -35.37 -6.30
C GLY A 405 13.69 -35.75 -5.24
N TYR A 406 13.57 -34.95 -4.17
CA TYR A 406 12.66 -35.30 -3.09
C TYR A 406 11.21 -35.14 -3.52
N PHE A 407 10.87 -33.98 -4.09
CA PHE A 407 9.55 -33.73 -4.67
C PHE A 407 9.62 -33.90 -6.18
N THR A 408 8.64 -34.61 -6.75
CA THR A 408 8.57 -34.76 -8.19
C THR A 408 7.11 -34.64 -8.61
N GLY A 409 6.86 -34.84 -9.91
CA GLY A 409 5.50 -34.86 -10.43
C GLY A 409 4.58 -35.86 -9.75
N GLU A 410 5.14 -36.86 -9.06
CA GLU A 410 4.29 -37.77 -8.30
C GLU A 410 3.54 -37.05 -7.17
N GLN A 411 4.03 -35.90 -6.72
CA GLN A 411 3.34 -35.13 -5.69
C GLN A 411 2.50 -34.00 -6.27
N MET A 412 2.33 -33.91 -7.58
CA MET A 412 1.63 -32.78 -8.20
C MET A 412 0.41 -33.25 -8.99
N PRO A 413 -0.79 -33.25 -8.40
CA PRO A 413 -1.99 -33.68 -9.13
C PRO A 413 -2.23 -32.83 -10.38
N THR A 414 -2.47 -33.54 -11.49
CA THR A 414 -2.83 -32.93 -12.76
C THR A 414 -4.25 -33.32 -13.18
N THR A 415 -4.97 -33.98 -12.28
CA THR A 415 -6.41 -34.19 -12.37
C THR A 415 -6.97 -34.03 -10.97
N THR A 416 -8.30 -34.01 -10.87
CA THR A 416 -8.93 -34.02 -9.55
C THR A 416 -8.63 -35.35 -8.86
N VAL A 417 -8.15 -35.29 -7.62
CA VAL A 417 -7.83 -36.50 -6.86
C VAL A 417 -8.56 -36.47 -5.52
N SER A 418 -8.76 -37.65 -4.97
CA SER A 418 -9.27 -37.77 -3.62
C SER A 418 -8.20 -37.31 -2.63
N TRP A 419 -8.66 -36.88 -1.46
CA TRP A 419 -7.73 -36.44 -0.43
C TRP A 419 -6.87 -37.62 0.02
N PRO A 420 -5.54 -37.48 0.03
CA PRO A 420 -4.59 -38.57 0.35
C PRO A 420 -4.80 -39.17 1.73
N LYS A 429 -6.83 -38.17 12.67
CA LYS A 429 -5.97 -37.14 12.11
C LYS A 429 -6.75 -36.19 11.20
N PRO A 430 -6.75 -34.89 11.52
CA PRO A 430 -7.49 -33.94 10.67
C PRO A 430 -6.82 -33.77 9.31
N ARG A 431 -7.64 -33.64 8.27
CA ARG A 431 -7.13 -33.19 6.99
C ARG A 431 -6.43 -31.85 7.19
N THR A 432 -5.21 -31.72 6.66
CA THR A 432 -4.36 -30.58 6.96
C THR A 432 -3.69 -30.08 5.68
N ALA A 433 -3.75 -28.76 5.47
CA ALA A 433 -3.15 -28.14 4.29
C ALA A 433 -2.31 -26.94 4.71
N GLY A 434 -1.25 -26.69 3.95
CA GLY A 434 -0.49 -25.46 4.07
C GLY A 434 -0.80 -24.54 2.90
N VAL A 435 -0.66 -23.24 3.12
CA VAL A 435 -0.70 -22.26 2.03
C VAL A 435 0.52 -21.36 2.17
N SER A 436 1.29 -21.23 1.10
CA SER A 436 2.51 -20.42 1.09
C SER A 436 2.37 -19.27 0.09
N VAL A 437 2.84 -18.09 0.49
CA VAL A 437 2.99 -16.97 -0.43
C VAL A 437 4.32 -16.29 -0.13
N PHE A 438 5.10 -16.05 -1.20
CA PHE A 438 6.45 -15.48 -1.09
C PHE A 438 6.56 -14.25 -2.00
N GLY A 439 6.36 -13.07 -1.44
CA GLY A 439 6.30 -11.86 -2.22
C GLY A 439 7.64 -11.21 -2.51
N PHE A 440 7.64 -10.33 -3.52
CA PHE A 440 8.80 -9.49 -3.81
C PHE A 440 9.21 -8.72 -2.56
N GLY A 441 10.52 -8.51 -2.40
CA GLY A 441 11.01 -7.94 -1.16
C GLY A 441 11.18 -8.93 -0.04
N GLY A 442 11.22 -10.22 -0.36
CA GLY A 442 11.47 -11.23 0.65
C GLY A 442 10.37 -11.45 1.67
N SER A 443 9.12 -11.11 1.36
CA SER A 443 8.05 -11.17 2.35
C SER A 443 7.30 -12.48 2.25
N ASN A 444 7.39 -13.29 3.30
CA ASN A 444 6.90 -14.66 3.30
C ASN A 444 5.77 -14.83 4.30
N ALA A 445 4.82 -15.70 3.95
CA ALA A 445 3.80 -16.14 4.89
C ALA A 445 3.45 -17.60 4.59
N HIS A 446 3.13 -18.33 5.65
CA HIS A 446 2.63 -19.69 5.53
C HIS A 446 1.51 -19.87 6.55
N LEU A 447 0.37 -20.38 6.10
CA LEU A 447 -0.76 -20.63 6.98
C LEU A 447 -1.04 -22.12 7.03
N VAL A 448 -1.37 -22.62 8.21
CA VAL A 448 -1.70 -24.03 8.43
C VAL A 448 -3.20 -24.13 8.64
N LEU A 449 -3.88 -24.86 7.75
CA LEU A 449 -5.33 -24.97 7.76
C LEU A 449 -5.75 -26.42 7.98
N GLN A 450 -6.89 -26.60 8.65
CA GLN A 450 -7.44 -27.91 8.89
C GLN A 450 -8.92 -27.94 8.55
N GLN A 451 -9.43 -29.14 8.31
CA GLN A 451 -10.83 -29.31 7.96
C GLN A 451 -11.71 -28.74 9.07
N PRO A 452 -12.92 -28.28 8.74
CA PRO A 452 -13.78 -27.68 9.75
C PRO A 452 -14.20 -28.69 10.80
N THR A 453 -14.42 -28.19 12.01
CA THR A 453 -14.89 -29.04 13.10
C THR A 453 -15.57 -28.17 14.14
N GLN A 454 -16.56 -28.75 14.82
CA GLN A 454 -17.19 -28.09 15.96
C GLN A 454 -16.47 -28.33 17.28
N THR A 455 -15.47 -29.23 17.30
CA THR A 455 -14.78 -29.60 18.53
C THR A 455 -13.81 -28.50 18.95
N LEU A 456 -13.97 -27.99 20.17
CA LEU A 456 -13.10 -26.95 20.70
C LEU A 456 -11.86 -27.55 21.34
N GLU A 457 -10.77 -26.80 21.28
CA GLU A 457 -9.55 -27.19 21.98
C GLU A 457 -9.74 -27.03 23.48
N THR A 458 -9.18 -27.97 24.23
CA THR A 458 -9.26 -27.84 25.68
C THR A 458 -8.20 -26.89 26.20
N ASN A 459 -7.04 -26.84 25.54
CA ASN A 459 -5.95 -25.96 25.95
C ASN A 459 -5.38 -25.28 24.72
N PHE A 460 -5.25 -23.96 24.79
CA PHE A 460 -4.54 -23.20 23.77
C PHE A 460 -3.81 -22.06 24.45
N SER A 461 -2.75 -21.58 23.80
CA SER A 461 -2.01 -20.46 24.38
C SER A 461 -2.79 -19.17 24.17
N VAL A 462 -2.44 -18.15 24.96
CA VAL A 462 -3.09 -16.85 24.86
C VAL A 462 -2.05 -15.78 24.51
N ALA A 463 -2.54 -14.65 24.00
CA ALA A 463 -1.65 -13.54 23.70
C ALA A 463 -1.09 -12.97 25.00
N LYS A 464 0.13 -12.41 24.90
CA LYS A 464 0.70 -11.72 26.04
C LYS A 464 -0.10 -10.47 26.35
N PRO A 465 -0.17 -10.07 27.61
CA PRO A 465 -0.85 -8.82 27.96
C PRO A 465 -0.14 -7.65 27.30
N ARG A 466 -0.93 -6.62 26.96
CA ARG A 466 -0.36 -5.42 26.34
C ARG A 466 0.45 -4.63 27.38
N GLU A 467 1.42 -3.87 26.89
CA GLU A 467 2.21 -2.96 27.72
C GLU A 467 2.42 -1.67 26.96
N PRO A 468 2.67 -0.56 27.67
CA PRO A 468 3.12 0.66 26.98
C PRO A 468 4.33 0.37 26.10
N LEU A 469 4.46 1.16 25.05
CA LEU A 469 5.59 1.06 24.14
C LEU A 469 6.61 2.12 24.53
N ALA A 470 7.88 1.74 24.59
CA ALA A 470 8.93 2.71 24.81
C ALA A 470 9.53 3.14 23.48
N ILE A 471 9.64 4.44 23.25
CA ILE A 471 10.33 4.96 22.06
C ILE A 471 11.81 5.10 22.41
N ILE A 472 12.67 4.33 21.73
CA ILE A 472 14.09 4.27 22.06
C ILE A 472 14.99 4.74 20.93
N GLY A 473 14.44 5.08 19.77
CA GLY A 473 15.28 5.54 18.69
C GLY A 473 14.41 6.37 17.78
N MET A 474 14.91 7.49 17.26
CA MET A 474 14.13 8.38 16.40
C MET A 474 15.04 9.06 15.39
N ASP A 475 14.48 9.37 14.21
CA ASP A 475 15.10 10.32 13.29
C ASP A 475 14.01 10.98 12.46
N SER A 476 14.32 12.16 11.93
CA SER A 476 13.31 12.95 11.24
C SER A 476 13.96 13.77 10.13
N HIS A 477 13.24 13.93 9.03
CA HIS A 477 13.66 14.80 7.93
C HIS A 477 12.40 15.50 7.41
N PHE A 478 12.14 16.71 7.91
CA PHE A 478 10.95 17.48 7.56
C PHE A 478 11.41 18.81 6.97
N GLY A 479 11.16 19.00 5.68
CA GLY A 479 11.60 20.25 5.08
C GLY A 479 13.10 20.35 5.19
N SER A 480 13.60 21.54 5.50
CA SER A 480 15.04 21.69 5.67
C SER A 480 15.54 21.25 7.04
N ALA A 481 14.67 20.80 7.94
CA ALA A 481 15.10 20.20 9.21
C ALA A 481 15.45 18.75 8.94
N SER A 482 16.71 18.50 8.63
CA SER A 482 17.07 17.28 7.92
C SER A 482 17.49 16.14 8.85
N ASN A 483 17.55 16.37 10.17
CA ASN A 483 17.76 15.27 11.11
C ASN A 483 17.09 15.62 12.43
N LEU A 484 17.13 14.67 13.35
CA LEU A 484 16.45 14.83 14.63
C LEU A 484 16.97 16.05 15.40
N ALA A 485 18.29 16.26 15.41
CA ALA A 485 18.85 17.38 16.15
C ALA A 485 18.32 18.71 15.64
N GLN A 486 18.22 18.86 14.31
CA GLN A 486 17.71 20.10 13.73
C GLN A 486 16.23 20.28 14.01
N PHE A 487 15.46 19.19 13.96
CA PHE A 487 14.05 19.27 14.31
C PHE A 487 13.86 19.69 15.77
N LYS A 488 14.66 19.09 16.67
CA LYS A 488 14.55 19.44 18.09
C LYS A 488 14.79 20.94 18.29
N THR A 489 15.84 21.46 17.67
CA THR A 489 16.16 22.89 17.79
C THR A 489 15.06 23.76 17.19
N LEU A 490 14.59 23.37 16.00
CA LEU A 490 13.47 24.08 15.40
C LEU A 490 12.28 24.19 16.35
N LEU A 491 11.87 23.06 16.95
CA LEU A 491 10.69 23.08 17.80
C LEU A 491 10.91 23.92 19.05
N ASN A 492 12.10 23.80 19.64
CA ASN A 492 12.36 24.53 20.89
C ASN A 492 12.38 26.03 20.66
N ASN A 493 12.79 26.47 19.48
CA ASN A 493 12.81 27.87 19.11
C ASN A 493 11.51 28.33 18.46
N ASN A 494 10.51 27.46 18.35
CA ASN A 494 9.25 27.72 17.67
C ASN A 494 9.48 28.37 16.30
N GLN A 495 10.42 27.80 15.55
CA GLN A 495 10.62 28.19 14.17
C GLN A 495 9.88 27.27 13.21
N ASN A 496 9.86 27.65 11.93
CA ASN A 496 9.27 26.81 10.89
C ASN A 496 10.27 26.64 9.75
N THR A 497 9.95 25.68 8.87
CA THR A 497 10.75 25.39 7.69
C THR A 497 10.09 25.87 6.40
N PHE A 498 9.20 26.85 6.48
CA PHE A 498 8.43 27.26 5.29
C PHE A 498 9.30 28.05 4.33
N ARG A 499 9.22 27.69 3.05
CA ARG A 499 10.09 28.28 2.03
C ARG A 499 9.34 28.29 0.71
N GLU A 500 9.88 29.02 -0.27
CA GLU A 500 9.24 28.95 -1.57
C GLU A 500 9.58 27.63 -2.27
N LEU A 501 8.79 27.30 -3.27
CA LEU A 501 8.94 26.04 -3.99
C LEU A 501 10.33 25.90 -4.59
N PRO A 502 11.07 24.83 -4.32
CA PRO A 502 12.37 24.63 -4.98
C PRO A 502 12.18 24.56 -6.49
N GLU A 503 13.19 25.06 -7.22
CA GLU A 503 13.03 25.27 -8.66
C GLU A 503 12.61 24.02 -9.42
N GLN A 504 13.11 22.84 -9.06
CA GLN A 504 12.77 21.63 -9.80
C GLN A 504 11.67 20.79 -9.15
N ARG A 505 11.14 21.23 -8.02
CA ARG A 505 10.26 20.36 -7.23
C ARG A 505 8.98 19.99 -7.99
N TRP A 506 8.41 20.92 -8.77
CA TRP A 506 7.25 20.60 -9.62
C TRP A 506 7.61 20.43 -11.10
N LYS A 507 8.88 20.16 -11.40
CA LYS A 507 9.33 20.05 -12.78
C LYS A 507 8.94 21.29 -13.59
N GLY A 508 8.93 22.44 -12.90
CA GLY A 508 8.64 23.71 -13.55
C GLY A 508 7.19 23.96 -13.86
N MET A 509 6.29 23.04 -13.48
CA MET A 509 4.87 23.18 -13.83
C MET A 509 4.21 24.40 -13.19
N GLU A 510 4.76 24.98 -12.12
CA GLU A 510 4.19 26.20 -11.57
C GLU A 510 4.31 27.39 -12.52
N SER A 511 5.14 27.27 -13.56
CA SER A 511 5.29 28.34 -14.55
C SER A 511 4.23 28.27 -15.64
N ASN A 512 3.42 27.22 -15.67
CA ASN A 512 2.42 27.08 -16.71
C ASN A 512 1.14 27.78 -16.26
N ALA A 513 0.77 28.84 -16.98
CA ALA A 513 -0.37 29.65 -16.58
C ALA A 513 -1.67 28.87 -16.67
N ASN A 514 -1.79 27.97 -17.65
CA ASN A 514 -3.02 27.19 -17.79
C ASN A 514 -3.20 26.21 -16.63
N VAL A 515 -2.13 25.49 -16.26
CA VAL A 515 -2.20 24.61 -15.09
C VAL A 515 -2.57 25.41 -13.84
N MET A 516 -1.87 26.53 -13.61
CA MET A 516 -2.13 27.27 -12.37
C MET A 516 -3.53 27.87 -12.36
N GLN A 517 -4.02 28.31 -13.52
CA GLN A 517 -5.41 28.78 -13.60
C GLN A 517 -6.40 27.67 -13.27
N SER A 518 -6.15 26.46 -13.77
CA SER A 518 -7.04 25.33 -13.48
C SER A 518 -7.04 25.00 -12.00
N LEU A 519 -5.86 25.08 -11.35
CA LEU A 519 -5.72 24.82 -9.93
C LEU A 519 -6.18 25.98 -9.06
N GLN A 520 -6.53 27.12 -9.67
CA GLN A 520 -6.94 28.33 -8.93
C GLN A 520 -5.85 28.78 -7.94
N LEU A 521 -4.61 28.68 -8.38
CA LEU A 521 -3.44 29.09 -7.59
C LEU A 521 -2.79 30.30 -8.23
N ARG A 522 -2.56 31.35 -7.45
CA ARG A 522 -1.76 32.47 -7.94
C ARG A 522 -0.28 32.14 -7.96
N LYS A 523 0.18 31.27 -7.06
CA LYS A 523 1.58 30.90 -6.96
C LYS A 523 1.63 29.50 -6.37
N ALA A 524 2.76 28.84 -6.51
CA ALA A 524 2.96 27.62 -5.72
C ALA A 524 3.02 28.03 -4.24
N PRO A 525 2.32 27.35 -3.34
CA PRO A 525 2.27 27.81 -1.95
C PRO A 525 3.65 27.82 -1.32
N LYS A 526 3.86 28.76 -0.41
CA LYS A 526 5.03 28.66 0.44
C LYS A 526 4.80 27.50 1.39
N GLY A 527 5.82 26.64 1.58
CA GLY A 527 5.61 25.49 2.46
C GLY A 527 6.91 24.81 2.83
N SER A 528 6.78 23.72 3.59
CA SER A 528 7.96 23.02 4.07
C SER A 528 8.38 21.95 3.08
N TYR A 529 8.97 22.42 1.98
CA TYR A 529 9.39 21.51 0.92
C TYR A 529 10.76 20.95 1.24
N VAL A 530 11.00 19.74 0.74
CA VAL A 530 12.32 19.13 0.75
C VAL A 530 12.93 19.35 -0.63
N GLU A 531 14.03 20.11 -0.71
CA GLU A 531 14.62 20.36 -2.03
C GLU A 531 15.46 19.18 -2.49
N GLN A 532 16.19 18.53 -1.57
CA GLN A 532 17.13 17.48 -1.93
C GLN A 532 17.50 16.70 -0.67
N LEU A 533 18.07 15.52 -0.88
CA LEU A 533 18.66 14.76 0.21
C LEU A 533 20.07 14.32 -0.18
N ASP A 534 20.93 14.18 0.82
CA ASP A 534 22.25 13.57 0.66
C ASP A 534 22.20 12.15 1.24
N ILE A 535 22.64 11.17 0.46
CA ILE A 535 22.55 9.78 0.89
C ILE A 535 23.83 9.05 0.49
N ASP A 536 24.27 8.12 1.34
CA ASP A 536 25.48 7.33 1.09
C ASP A 536 25.10 6.14 0.20
N PHE A 537 25.45 6.24 -1.09
CA PHE A 537 25.11 5.18 -2.05
C PHE A 537 25.77 3.85 -1.68
N LEU A 538 26.91 3.90 -0.98
CA LEU A 538 27.59 2.67 -0.58
C LEU A 538 26.77 1.87 0.40
N ARG A 539 26.31 2.50 1.48
CA ARG A 539 25.58 1.77 2.51
C ARG A 539 24.23 1.26 2.01
N PHE A 540 23.58 2.00 1.12
CA PHE A 540 22.23 1.68 0.70
C PHE A 540 22.15 0.99 -0.66
N LYS A 541 23.29 0.69 -1.29
CA LYS A 541 23.32 -0.14 -2.50
C LYS A 541 22.51 0.47 -3.64
N VAL A 542 22.60 1.79 -3.81
CA VAL A 542 21.87 2.46 -4.87
C VAL A 542 22.62 2.34 -6.20
N ASP A 548 18.66 5.10 -13.35
CA ASP A 548 18.25 3.89 -12.65
C ASP A 548 18.26 4.08 -11.13
N CYS A 549 18.01 5.31 -10.68
CA CYS A 549 18.03 5.64 -9.27
C CYS A 549 16.67 5.30 -8.65
N LEU A 550 16.69 4.99 -7.35
CA LEU A 550 15.43 4.79 -6.62
C LEU A 550 14.72 6.13 -6.39
N ILE A 551 13.39 6.11 -6.39
CA ILE A 551 12.65 7.36 -6.23
C ILE A 551 12.88 7.91 -4.81
N PRO A 552 12.75 9.22 -4.62
CA PRO A 552 13.03 9.80 -3.28
C PRO A 552 12.13 9.27 -2.17
N GLN A 553 10.88 8.86 -2.45
CA GLN A 553 10.06 8.28 -1.39
C GLN A 553 10.78 7.14 -0.67
N GLN A 554 11.42 6.25 -1.43
CA GLN A 554 12.09 5.12 -0.80
C GLN A 554 13.42 5.53 -0.17
N LEU A 555 14.18 6.41 -0.83
CA LEU A 555 15.46 6.83 -0.25
C LEU A 555 15.26 7.58 1.07
N MET A 556 14.27 8.48 1.11
CA MET A 556 14.01 9.22 2.34
C MET A 556 13.64 8.30 3.48
N MET A 557 12.75 7.31 3.22
CA MET A 557 12.35 6.37 4.26
C MET A 557 13.54 5.54 4.74
N MET A 558 14.37 5.13 3.81
CA MET A 558 15.48 4.25 4.17
C MET A 558 16.47 4.97 5.08
N GLN A 559 16.76 6.24 4.77
CA GLN A 559 17.71 7.00 5.58
C GLN A 559 17.21 7.22 7.01
N VAL A 560 15.95 7.64 7.17
CA VAL A 560 15.48 7.91 8.54
C VAL A 560 15.34 6.62 9.32
N ALA A 561 14.91 5.52 8.66
CA ALA A 561 14.75 4.25 9.36
C ALA A 561 16.11 3.72 9.83
N ASP A 562 17.11 3.80 8.96
CA ASP A 562 18.47 3.40 9.31
C ASP A 562 18.99 4.18 10.50
N ASN A 563 18.79 5.50 10.49
CA ASN A 563 19.27 6.34 11.58
C ASN A 563 18.52 6.04 12.88
N ALA A 564 17.20 5.84 12.81
CA ALA A 564 16.45 5.50 14.01
C ALA A 564 16.91 4.15 14.57
N ALA A 565 17.21 3.18 13.70
CA ALA A 565 17.66 1.86 14.16
C ALA A 565 18.98 1.96 14.89
N LYS A 566 19.90 2.78 14.36
CA LYS A 566 21.17 3.02 15.06
C LYS A 566 20.95 3.72 16.39
N ASP A 567 20.10 4.75 16.40
CA ASP A 567 19.81 5.49 17.62
C ASP A 567 19.17 4.59 18.68
N GLY A 568 18.39 3.60 18.26
CA GLY A 568 17.80 2.66 19.18
C GLY A 568 18.68 1.49 19.58
N GLY A 569 19.93 1.46 19.14
CA GLY A 569 20.83 0.36 19.49
C GLY A 569 20.44 -0.99 18.93
N LEU A 570 19.75 -1.02 17.78
CA LEU A 570 19.36 -2.31 17.24
C LEU A 570 20.58 -3.08 16.75
N VAL A 571 20.39 -4.40 16.62
CA VAL A 571 21.44 -5.36 16.27
C VAL A 571 21.01 -6.11 15.01
N GLU A 572 21.94 -6.24 14.05
CA GLU A 572 21.67 -6.97 12.81
C GLU A 572 21.37 -8.44 13.07
N GLY A 573 20.56 -9.02 12.18
CA GLY A 573 20.29 -10.44 12.21
C GLY A 573 19.19 -10.88 13.15
N ARG A 574 18.37 -9.96 13.63
CA ARG A 574 17.39 -10.24 14.66
C ARG A 574 15.98 -10.23 14.10
N ASN A 575 15.06 -10.77 14.89
CA ASN A 575 13.63 -10.84 14.58
C ASN A 575 13.05 -9.48 14.89
N VAL A 576 13.15 -8.57 13.92
CA VAL A 576 12.67 -7.19 14.05
C VAL A 576 11.72 -6.93 12.89
N ALA A 577 10.60 -6.27 13.18
CA ALA A 577 9.62 -5.91 12.16
C ALA A 577 9.82 -4.47 11.69
N VAL A 578 9.46 -4.21 10.43
CA VAL A 578 9.56 -2.88 9.83
C VAL A 578 8.17 -2.54 9.27
N LEU A 579 7.54 -1.50 9.82
CA LEU A 579 6.24 -1.07 9.34
C LEU A 579 6.41 0.32 8.73
N VAL A 580 5.97 0.50 7.49
CA VAL A 580 6.12 1.81 6.85
C VAL A 580 4.73 2.40 6.64
N ALA A 581 4.43 3.50 7.35
CA ALA A 581 3.21 4.25 7.13
C ALA A 581 3.37 5.12 5.88
N MET A 582 2.45 4.96 4.92
CA MET A 582 2.61 5.68 3.67
C MET A 582 1.29 5.62 2.93
N GLY A 583 1.18 6.46 1.90
CA GLY A 583 0.22 6.28 0.84
C GLY A 583 0.98 6.28 -0.47
N MET A 584 0.26 6.15 -1.58
CA MET A 584 0.98 6.03 -2.84
C MET A 584 1.74 7.31 -3.15
N GLU A 585 2.90 7.15 -3.76
CA GLU A 585 3.62 8.28 -4.36
C GLU A 585 2.82 8.74 -5.55
N LEU A 586 2.13 9.86 -5.43
CA LEU A 586 1.31 10.36 -6.52
C LEU A 586 2.13 10.70 -7.75
N GLU A 587 3.45 11.00 -7.60
CA GLU A 587 4.29 11.23 -8.77
C GLU A 587 4.44 10.00 -9.65
N LEU A 588 4.01 8.82 -9.19
CA LEU A 588 4.04 7.66 -10.05
C LEU A 588 3.18 7.79 -11.31
N HIS A 589 2.21 8.72 -11.31
CA HIS A 589 1.41 8.97 -12.51
C HIS A 589 2.24 9.57 -13.63
N GLN A 590 3.42 10.12 -13.30
CA GLN A 590 4.26 10.68 -14.35
C GLN A 590 4.78 9.60 -15.29
N TYR A 591 4.86 8.34 -14.84
CA TYR A 591 5.39 7.30 -15.72
C TYR A 591 4.46 7.03 -16.90
N ARG A 592 3.18 6.79 -16.64
CA ARG A 592 2.24 6.71 -17.77
C ARG A 592 2.10 8.07 -18.46
N GLY A 593 2.25 9.15 -17.71
CA GLY A 593 2.31 10.47 -18.33
C GLY A 593 3.32 10.54 -19.45
N ARG A 594 4.44 9.83 -19.31
CA ARG A 594 5.41 9.71 -20.41
C ARG A 594 4.97 8.68 -21.45
N VAL A 595 4.65 7.48 -21.00
CA VAL A 595 4.47 6.35 -21.92
C VAL A 595 3.32 6.62 -22.89
N ASN A 596 2.25 7.22 -22.39
CA ASN A 596 1.04 7.37 -23.19
C ASN A 596 1.20 8.37 -24.32
N LEU A 597 2.24 9.20 -24.29
CA LEU A 597 2.44 10.14 -25.37
C LEU A 597 2.68 9.44 -26.71
N THR A 598 3.05 8.15 -26.70
CA THR A 598 3.10 7.33 -27.92
C THR A 598 1.86 7.50 -28.79
N THR A 599 0.68 7.24 -28.24
CA THR A 599 -0.52 7.37 -29.04
C THR A 599 -1.08 8.77 -29.01
N GLN A 600 -0.82 9.53 -27.93
CA GLN A 600 -1.29 10.91 -27.92
C GLN A 600 -0.68 11.73 -29.04
N ILE A 601 0.64 11.59 -29.26
CA ILE A 601 1.30 12.38 -30.30
C ILE A 601 0.92 11.84 -31.68
N GLU A 602 0.87 10.52 -31.84
CA GLU A 602 0.44 9.97 -33.12
C GLU A 602 -0.95 10.47 -33.50
N ASP A 603 -1.90 10.41 -32.55
CA ASP A 603 -3.26 10.87 -32.81
C ASP A 603 -3.29 12.36 -33.15
N SER A 604 -2.50 13.17 -32.44
CA SER A 604 -2.48 14.60 -32.70
C SER A 604 -2.00 14.89 -34.12
N LEU A 605 -0.87 14.29 -34.51
CA LEU A 605 -0.33 14.52 -35.85
C LEU A 605 -1.31 14.09 -36.93
N LEU A 606 -1.92 12.92 -36.75
CA LEU A 606 -2.92 12.45 -37.70
C LEU A 606 -4.09 13.41 -37.78
N GLN A 607 -4.72 13.70 -36.64
CA GLN A 607 -5.96 14.46 -36.68
C GLN A 607 -5.72 15.88 -37.17
N GLN A 608 -4.54 16.46 -36.89
CA GLN A 608 -4.35 17.85 -37.28
C GLN A 608 -3.88 17.99 -38.72
N GLY A 609 -3.52 16.89 -39.36
CA GLY A 609 -3.25 16.90 -40.79
C GLY A 609 -1.79 17.04 -41.16
N ILE A 610 -0.87 16.78 -40.24
CA ILE A 610 0.56 16.92 -40.51
C ILE A 610 1.15 15.53 -40.62
N ASN A 611 1.58 15.17 -41.83
CA ASN A 611 2.04 13.82 -42.13
C ASN A 611 3.56 13.83 -42.03
N LEU A 612 4.08 13.55 -40.82
CA LEU A 612 5.51 13.36 -40.65
C LEU A 612 5.91 11.95 -41.06
N THR A 613 7.20 11.77 -41.36
CA THR A 613 7.69 10.41 -41.56
C THR A 613 7.64 9.65 -40.24
N VAL A 614 7.74 8.32 -40.33
CA VAL A 614 7.76 7.51 -39.12
C VAL A 614 8.92 7.93 -38.23
N GLU A 615 10.08 8.23 -38.84
CA GLU A 615 11.24 8.59 -38.04
C GLU A 615 11.07 9.97 -37.41
N GLN A 616 10.45 10.92 -38.13
CA GLN A 616 10.20 12.23 -37.54
C GLN A 616 9.23 12.13 -36.36
N ARG A 617 8.18 11.32 -36.51
CA ARG A 617 7.19 11.18 -35.46
C ARG A 617 7.79 10.54 -34.21
N GLU A 618 8.68 9.55 -34.40
CA GLU A 618 9.31 8.92 -33.24
C GLU A 618 10.24 9.89 -32.52
N GLU A 619 10.99 10.69 -33.28
CA GLU A 619 11.86 11.68 -32.67
C GLU A 619 11.05 12.75 -31.93
N LEU A 620 9.98 13.25 -32.52
CA LEU A 620 9.12 14.21 -31.82
C LEU A 620 8.54 13.60 -30.54
N THR A 621 8.05 12.36 -30.64
CA THR A 621 7.51 11.67 -29.48
C THR A 621 8.56 11.50 -28.40
N ASN A 622 9.78 11.14 -28.78
CA ASN A 622 10.84 10.93 -27.79
C ASN A 622 11.22 12.22 -27.07
N ILE A 623 11.19 13.35 -27.78
CA ILE A 623 11.50 14.63 -27.15
C ILE A 623 10.46 14.96 -26.08
N ALA A 624 9.18 14.81 -26.43
CA ALA A 624 8.10 15.06 -25.46
C ALA A 624 8.17 14.09 -24.28
N LYS A 625 8.39 12.80 -24.56
CA LYS A 625 8.47 11.80 -23.49
C LYS A 625 9.59 12.14 -22.50
N ASP A 626 10.77 12.47 -23.01
CA ASP A 626 11.90 12.76 -22.13
C ASP A 626 11.66 13.99 -21.28
N GLY A 627 10.79 14.90 -21.72
CA GLY A 627 10.42 16.02 -20.89
C GLY A 627 9.63 15.61 -19.66
N VAL A 628 8.83 14.55 -19.77
CA VAL A 628 7.92 14.17 -18.69
C VAL A 628 8.60 13.28 -17.66
N ALA A 629 9.33 12.27 -18.11
CA ALA A 629 9.90 11.27 -17.19
C ALA A 629 10.91 10.46 -17.96
N SER A 630 11.80 9.78 -17.22
CA SER A 630 12.75 8.86 -17.83
C SER A 630 12.06 7.54 -18.15
N ALA A 631 12.59 6.85 -19.15
CA ALA A 631 12.08 5.52 -19.47
C ALA A 631 12.32 4.57 -18.29
N ALA A 632 11.47 3.54 -18.21
CA ALA A 632 11.56 2.57 -17.12
C ALA A 632 12.92 1.89 -17.10
N GLN A 633 13.49 1.76 -15.90
CA GLN A 633 14.70 0.97 -15.68
C GLN A 633 14.44 0.03 -14.51
N LEU A 634 15.21 -1.07 -14.46
CA LEU A 634 14.93 -2.17 -13.53
C LEU A 634 14.88 -1.69 -12.08
N ASN A 635 15.98 -1.13 -11.59
CA ASN A 635 16.00 -0.74 -10.18
C ASN A 635 15.00 0.36 -9.89
N GLN A 636 14.91 1.35 -10.78
CA GLN A 636 13.94 2.41 -10.58
C GLN A 636 12.53 1.85 -10.43
N TYR A 637 12.17 0.87 -11.26
CA TYR A 637 10.80 0.36 -11.13
C TYR A 637 10.58 -0.43 -9.84
N THR A 638 11.61 -1.11 -9.31
CA THR A 638 11.42 -1.76 -8.01
C THR A 638 11.10 -0.73 -6.92
N SER A 639 11.59 0.50 -7.06
CA SER A 639 11.25 1.53 -6.09
C SER A 639 9.85 2.12 -6.31
N PHE A 640 9.16 1.75 -7.39
CA PHE A 640 7.74 2.09 -7.49
C PHE A 640 6.87 1.22 -6.61
N ILE A 641 7.42 0.14 -6.03
CA ILE A 641 6.66 -0.87 -5.30
C ILE A 641 6.79 -0.59 -3.80
N GLY A 642 5.69 -0.21 -3.15
CA GLY A 642 5.80 0.40 -1.83
C GLY A 642 6.42 -0.51 -0.78
N ASN A 643 6.04 -1.79 -0.76
CA ASN A 643 6.55 -2.64 0.31
C ASN A 643 8.04 -2.87 0.22
N ILE A 644 8.63 -2.60 -0.95
CA ILE A 644 10.05 -2.92 -1.09
C ILE A 644 10.89 -1.97 -0.26
N MET A 645 10.40 -0.76 0.01
CA MET A 645 11.22 0.12 0.84
C MET A 645 11.37 -0.42 2.26
N ALA A 646 10.34 -1.11 2.79
CA ALA A 646 10.51 -1.78 4.09
C ALA A 646 11.50 -2.93 3.97
N SER A 647 11.38 -3.73 2.90
CA SER A 647 12.30 -4.84 2.64
C SER A 647 13.75 -4.39 2.53
N ARG A 648 14.00 -3.20 1.99
CA ARG A 648 15.38 -2.78 1.81
C ARG A 648 16.07 -2.56 3.14
N ILE A 649 15.32 -2.09 4.15
CA ILE A 649 15.87 -1.96 5.50
C ILE A 649 16.10 -3.33 6.11
N SER A 650 15.12 -4.24 5.99
CA SER A 650 15.30 -5.61 6.49
C SER A 650 16.46 -6.32 5.80
N ALA A 651 16.70 -6.03 4.52
CA ALA A 651 17.83 -6.67 3.86
C ALA A 651 19.15 -6.05 4.32
N LEU A 652 19.17 -4.74 4.55
CA LEU A 652 20.38 -4.07 5.04
C LEU A 652 20.76 -4.58 6.43
N TRP A 653 19.78 -4.81 7.29
CA TRP A 653 20.02 -5.19 8.67
C TRP A 653 19.88 -6.69 8.91
N ASP A 654 19.56 -7.46 7.86
CA ASP A 654 19.26 -8.89 7.97
C ASP A 654 18.18 -9.16 9.03
N PHE A 655 17.10 -8.38 9.00
CA PHE A 655 15.99 -8.61 9.92
C PHE A 655 15.08 -9.70 9.38
N SER A 656 14.45 -10.44 10.29
CA SER A 656 13.57 -11.54 9.90
C SER A 656 12.10 -11.34 10.28
N GLY A 657 11.73 -10.22 10.90
CA GLY A 657 10.32 -9.96 11.18
C GLY A 657 9.57 -9.51 9.94
N PRO A 658 8.25 -9.37 10.07
CA PRO A 658 7.46 -8.88 8.93
C PRO A 658 7.89 -7.45 8.54
N ALA A 659 7.93 -7.19 7.23
CA ALA A 659 8.31 -5.90 6.67
C ALA A 659 7.23 -5.50 5.67
N ILE A 660 6.43 -4.50 6.02
CA ILE A 660 5.26 -4.17 5.21
C ILE A 660 5.02 -2.67 5.19
N THR A 661 4.21 -2.22 4.23
CA THR A 661 3.63 -0.89 4.37
C THR A 661 2.24 -1.02 4.97
N VAL A 662 1.82 0.06 5.65
CA VAL A 662 0.52 0.16 6.29
C VAL A 662 -0.07 1.49 5.83
N SER A 663 -1.31 1.47 5.33
CA SER A 663 -1.94 2.66 4.79
C SER A 663 -3.30 2.86 5.46
N ALA A 664 -3.47 4.02 6.10
CA ALA A 664 -4.76 4.36 6.67
C ALA A 664 -4.93 5.88 6.62
N GLU A 665 -4.49 6.49 5.52
CA GLU A 665 -4.61 7.94 5.27
C GLU A 665 -3.86 8.68 6.39
N GLU A 666 -4.40 9.79 6.92
CA GLU A 666 -3.65 10.53 7.92
C GLU A 666 -3.39 9.70 9.17
N ASN A 667 -4.23 8.71 9.45
CA ASN A 667 -4.05 7.85 10.62
C ASN A 667 -3.11 6.67 10.36
N SER A 668 -2.36 6.68 9.26
CA SER A 668 -1.47 5.56 8.96
C SER A 668 -0.51 5.24 10.11
N VAL A 669 0.15 6.27 10.65
CA VAL A 669 1.15 6.03 11.70
C VAL A 669 0.49 5.51 12.98
N TYR A 670 -0.67 6.05 13.34
CA TYR A 670 -1.34 5.57 14.56
C TYR A 670 -1.83 4.14 14.41
N ARG A 671 -2.27 3.73 13.22
CA ARG A 671 -2.56 2.30 13.02
C ARG A 671 -1.31 1.45 13.13
N CYS A 672 -0.14 1.95 12.73
CA CYS A 672 1.11 1.22 12.93
C CYS A 672 1.44 1.06 14.41
N VAL A 673 1.20 2.10 15.19
CA VAL A 673 1.44 1.98 16.64
C VAL A 673 0.57 0.87 17.22
N GLU A 674 -0.72 0.86 16.85
CA GLU A 674 -1.64 -0.20 17.29
C GLU A 674 -1.18 -1.57 16.82
N LEU A 675 -0.74 -1.67 15.58
CA LEU A 675 -0.22 -2.94 15.07
C LEU A 675 1.05 -3.37 15.81
N ALA A 676 1.98 -2.44 16.04
CA ALA A 676 3.21 -2.79 16.76
C ALA A 676 2.88 -3.37 18.14
N GLU A 677 1.96 -2.73 18.87
CA GLU A 677 1.50 -3.30 20.14
C GLU A 677 1.02 -4.74 19.94
N ASN A 678 0.22 -4.96 18.90
CA ASN A 678 -0.33 -6.28 18.70
C ASN A 678 0.76 -7.28 18.34
N LEU A 679 1.78 -6.85 17.59
CA LEU A 679 2.86 -7.76 17.23
C LEU A 679 3.62 -8.24 18.47
N PHE A 680 3.82 -7.36 19.45
CA PHE A 680 4.49 -7.78 20.67
C PHE A 680 3.62 -8.74 21.48
N GLN A 681 2.30 -8.59 21.41
CA GLN A 681 1.42 -9.50 22.14
C GLN A 681 1.38 -10.90 21.53
N THR A 682 1.57 -11.02 20.22
CA THR A 682 1.25 -12.27 19.52
C THR A 682 2.47 -12.97 18.94
N SER A 683 3.67 -12.40 19.06
CA SER A 683 4.83 -13.00 18.41
C SER A 683 6.03 -12.74 19.29
N ASP A 684 7.20 -13.23 18.86
CA ASP A 684 8.44 -13.06 19.58
C ASP A 684 9.31 -11.94 19.03
N VAL A 685 8.75 -11.09 18.17
CA VAL A 685 9.51 -9.98 17.62
C VAL A 685 10.11 -9.16 18.76
N GLU A 686 11.37 -8.75 18.58
CA GLU A 686 12.12 -8.05 19.63
C GLU A 686 11.96 -6.54 19.59
N ALA A 687 11.75 -5.97 18.40
CA ALA A 687 11.57 -4.53 18.25
C ALA A 687 10.79 -4.29 16.97
N VAL A 688 10.23 -3.09 16.86
CA VAL A 688 9.51 -2.70 15.64
C VAL A 688 10.00 -1.32 15.23
N ILE A 689 10.43 -1.20 13.98
CA ILE A 689 10.72 0.10 13.40
C ILE A 689 9.43 0.58 12.77
N ILE A 690 8.98 1.77 13.15
CA ILE A 690 7.84 2.39 12.46
C ILE A 690 8.39 3.59 11.70
N ALA A 691 8.39 3.51 10.38
CA ALA A 691 8.84 4.62 9.55
C ALA A 691 7.64 5.21 8.83
N ALA A 692 7.79 6.44 8.39
CA ALA A 692 6.67 7.10 7.72
C ALA A 692 7.25 8.02 6.67
N VAL A 693 6.60 8.12 5.52
CA VAL A 693 7.09 9.03 4.49
C VAL A 693 5.90 9.52 3.68
N ASP A 694 5.89 10.81 3.40
CA ASP A 694 4.97 11.37 2.41
C ASP A 694 5.68 12.56 1.80
N LEU A 695 6.03 12.46 0.54
CA LEU A 695 6.58 13.62 -0.15
C LEU A 695 5.42 14.45 -0.68
N SER A 696 4.67 15.01 0.27
CA SER A 696 3.40 15.69 0.04
C SER A 696 3.54 17.14 -0.44
N GLY A 697 4.73 17.55 -0.86
CA GLY A 697 4.87 18.82 -1.54
C GLY A 697 4.80 18.71 -3.05
N SER A 698 4.50 17.52 -3.59
CA SER A 698 4.38 17.37 -5.06
C SER A 698 3.21 18.18 -5.59
N ILE A 699 3.26 18.49 -6.90
CA ILE A 699 2.11 19.18 -7.47
C ILE A 699 0.89 18.27 -7.44
N GLU A 700 1.10 16.95 -7.54
CA GLU A 700 -0.04 16.03 -7.49
C GLU A 700 -0.72 16.09 -6.14
N ASN A 701 0.06 16.14 -5.06
CA ASN A 701 -0.58 16.21 -3.75
C ASN A 701 -1.26 17.55 -3.53
N ILE A 702 -0.65 18.65 -3.98
CA ILE A 702 -1.33 19.93 -3.81
C ILE A 702 -2.66 19.94 -4.57
N THR A 703 -2.64 19.45 -5.81
CA THR A 703 -3.86 19.26 -6.61
C THR A 703 -4.91 18.44 -5.88
N LEU A 704 -4.50 17.29 -5.35
CA LEU A 704 -5.44 16.41 -4.65
C LEU A 704 -6.04 17.09 -3.42
N ARG A 705 -5.20 17.65 -2.55
CA ARG A 705 -5.72 18.12 -1.27
C ARG A 705 -6.53 19.39 -1.43
N GLN A 706 -6.28 20.16 -2.48
CA GLN A 706 -7.16 21.31 -2.77
C GLN A 706 -8.61 20.89 -2.96
N HIS A 707 -8.87 19.64 -3.38
CA HIS A 707 -10.25 19.16 -3.51
C HIS A 707 -10.96 19.06 -2.17
N TYR A 708 -10.23 19.04 -1.05
CA TYR A 708 -10.83 18.91 0.28
C TYR A 708 -10.87 20.20 1.07
N GLY A 709 -10.08 21.18 0.70
CA GLY A 709 -10.10 22.48 1.34
C GLY A 709 -8.99 23.36 0.84
N PRO A 710 -9.09 24.68 1.07
CA PRO A 710 -8.11 25.62 0.51
C PRO A 710 -6.75 25.55 1.21
N VAL A 711 -5.68 25.61 0.39
CA VAL A 711 -4.30 25.64 0.86
C VAL A 711 -3.93 27.06 1.25
N ASN A 712 -2.97 27.18 2.16
CA ASN A 712 -2.42 28.48 2.57
C ASN A 712 -1.30 28.84 1.60
N GLU A 713 -1.58 29.76 0.66
CA GLU A 713 -0.58 30.07 -0.35
C GLU A 713 0.61 30.82 0.23
N LYS A 714 0.40 31.55 1.32
CA LYS A 714 1.47 32.38 1.87
C LYS A 714 2.33 31.64 2.87
N GLY A 715 1.91 30.44 3.29
CA GLY A 715 2.64 29.63 4.23
C GLY A 715 2.91 30.35 5.52
N SER A 716 1.88 30.96 6.10
CA SER A 716 2.05 31.71 7.34
C SER A 716 0.79 31.64 8.19
N ASN A 732 -5.22 28.97 19.16
CA ASN A 732 -5.50 29.75 17.96
C ASN A 732 -5.10 28.99 16.69
N ILE A 733 -4.18 28.03 16.79
CA ILE A 733 -3.85 27.22 15.60
C ILE A 733 -5.11 26.56 15.06
N LEU A 734 -6.06 26.22 15.93
CA LEU A 734 -7.32 25.64 15.45
C LEU A 734 -8.22 26.64 14.76
N ASP A 735 -7.94 27.94 14.86
CA ASP A 735 -8.74 28.93 14.13
C ASP A 735 -8.32 29.10 12.67
N GLN A 736 -7.19 28.52 12.27
CA GLN A 736 -6.75 28.58 10.87
C GLN A 736 -7.78 27.92 9.95
N GLN A 737 -7.99 28.53 8.78
CA GLN A 737 -8.96 28.07 7.80
C GLN A 737 -8.35 27.43 6.57
N GLN A 738 -7.02 27.33 6.50
CA GLN A 738 -6.32 26.79 5.34
C GLN A 738 -5.24 25.83 5.82
N TRP A 739 -4.91 24.83 5.01
CA TRP A 739 -3.89 23.86 5.38
C TRP A 739 -2.51 24.30 4.84
N LEU A 740 -1.46 23.87 5.55
CA LEU A 740 -0.10 24.26 5.22
C LEU A 740 0.66 23.12 4.53
N VAL A 741 1.39 23.47 3.47
CA VAL A 741 2.15 22.47 2.71
C VAL A 741 3.38 22.04 3.51
N GLY A 742 3.62 20.73 3.57
CA GLY A 742 4.84 20.21 4.15
C GLY A 742 5.10 18.82 3.63
N GLU A 743 6.34 18.36 3.80
CA GLU A 743 6.64 16.99 3.38
C GLU A 743 7.86 16.47 4.14
N GLY A 744 8.06 15.16 4.08
CA GLY A 744 9.25 14.58 4.67
C GLY A 744 9.00 13.13 5.11
N ALA A 745 9.86 12.69 6.01
CA ALA A 745 9.91 11.30 6.42
C ALA A 745 10.47 11.26 7.84
N ALA A 746 10.07 10.24 8.60
CA ALA A 746 10.61 10.11 9.95
C ALA A 746 10.42 8.68 10.40
N ALA A 747 11.13 8.30 11.48
CA ALA A 747 11.05 6.93 11.94
C ALA A 747 11.29 6.87 13.43
N ILE A 748 10.70 5.85 14.08
CA ILE A 748 10.92 5.59 15.49
C ILE A 748 11.13 4.09 15.65
N VAL A 749 11.81 3.73 16.73
CA VAL A 749 11.99 2.35 17.15
C VAL A 749 11.25 2.20 18.46
N VAL A 750 10.41 1.17 18.56
CA VAL A 750 9.64 0.92 19.78
C VAL A 750 9.94 -0.50 20.27
N LYS A 751 9.94 -0.66 21.58
CA LYS A 751 10.01 -1.95 22.26
C LYS A 751 9.02 -1.90 23.42
N PRO A 752 8.57 -3.07 23.91
CA PRO A 752 7.74 -3.08 25.12
C PRO A 752 8.50 -2.40 26.27
N SER A 753 7.76 -1.66 27.10
CA SER A 753 8.42 -0.90 28.16
C SER A 753 9.23 -1.80 29.10
N SER A 754 8.78 -3.04 29.29
CA SER A 754 9.50 -3.92 30.22
C SER A 754 10.85 -4.40 29.69
N GLN A 755 11.17 -4.17 28.41
CA GLN A 755 12.41 -4.69 27.85
C GLN A 755 13.38 -3.61 27.41
N VAL A 756 13.31 -2.40 27.98
CA VAL A 756 14.28 -1.36 27.64
C VAL A 756 14.89 -0.88 28.95
N THR A 757 16.08 -0.30 28.83
CA THR A 757 16.69 0.35 29.99
C THR A 757 16.38 1.85 29.98
N ALA A 758 16.49 2.46 31.16
CA ALA A 758 16.01 3.83 31.33
C ALA A 758 16.74 4.79 30.41
N GLU A 759 18.03 4.60 30.19
CA GLU A 759 18.76 5.60 29.39
C GLU A 759 18.47 5.49 27.90
N GLN A 760 17.65 4.54 27.47
CA GLN A 760 17.25 4.44 26.07
C GLN A 760 16.03 5.27 25.72
N VAL A 761 15.20 5.64 26.71
CA VAL A 761 13.81 5.96 26.46
C VAL A 761 13.65 7.46 26.26
N TYR A 762 13.10 7.84 25.09
CA TYR A 762 12.66 9.22 24.91
C TYR A 762 11.40 9.48 25.71
N ALA A 763 10.36 8.68 25.45
CA ALA A 763 9.04 8.80 26.05
C ALA A 763 8.36 7.45 25.84
N ARG A 764 7.28 7.22 26.57
CA ARG A 764 6.48 6.02 26.41
C ARG A 764 5.18 6.36 25.71
N ILE A 765 4.72 5.48 24.82
CA ILE A 765 3.35 5.53 24.33
C ILE A 765 2.50 4.69 25.28
N ASP A 766 1.70 5.37 26.11
CA ASP A 766 0.92 4.64 27.11
C ASP A 766 -0.38 4.10 26.54
N ALA A 767 -0.92 4.71 25.47
CA ALA A 767 -2.16 4.23 24.93
C ALA A 767 -2.35 4.79 23.54
N VAL A 768 -2.96 3.99 22.66
CA VAL A 768 -3.52 4.50 21.41
C VAL A 768 -4.91 3.89 21.28
N SER A 769 -5.91 4.71 21.04
CA SER A 769 -7.29 4.26 20.93
C SER A 769 -7.93 4.93 19.73
N PHE A 770 -8.98 4.28 19.20
CA PHE A 770 -9.70 4.77 18.02
C PHE A 770 -11.19 4.76 18.28
N ALA A 771 -11.91 5.62 17.55
CA ALA A 771 -13.37 5.60 17.53
C ALA A 771 -13.81 5.89 16.11
N PRO A 772 -14.85 5.21 15.62
CA PRO A 772 -15.35 5.52 14.26
C PRO A 772 -15.89 6.94 14.19
N GLY A 773 -15.66 7.58 13.05
CA GLY A 773 -16.21 8.90 12.80
C GLY A 773 -15.18 10.00 12.94
N SER A 774 -15.63 11.23 12.68
CA SER A 774 -14.75 12.38 12.62
C SER A 774 -15.26 13.58 13.41
N ASN A 775 -16.37 13.47 14.12
CA ASN A 775 -16.95 14.64 14.79
C ASN A 775 -16.44 14.74 16.23
N ALA A 776 -16.91 15.78 16.93
CA ALA A 776 -16.48 16.01 18.30
C ALA A 776 -16.81 14.82 19.20
N LYS A 777 -17.95 14.17 18.95
CA LYS A 777 -18.34 13.02 19.76
C LYS A 777 -17.33 11.89 19.60
N ALA A 778 -16.93 11.61 18.36
CA ALA A 778 -15.92 10.58 18.11
C ALA A 778 -14.61 10.90 18.82
N ILE A 779 -14.21 12.17 18.83
CA ILE A 779 -13.00 12.58 19.55
C ILE A 779 -13.13 12.24 21.04
N THR A 780 -14.25 12.62 21.65
CA THR A 780 -14.37 12.38 23.09
C THR A 780 -14.42 10.89 23.39
N ILE A 781 -15.01 10.08 22.50
CA ILE A 781 -15.08 8.65 22.73
C ILE A 781 -13.69 8.03 22.66
N ALA A 782 -12.92 8.40 21.63
CA ALA A 782 -11.56 7.89 21.51
C ALA A 782 -10.70 8.39 22.66
N ALA A 783 -10.85 9.66 23.06
CA ALA A 783 -10.05 10.17 24.16
C ALA A 783 -10.35 9.42 25.46
N ASP A 784 -11.62 9.16 25.74
CA ASP A 784 -11.98 8.44 26.95
C ASP A 784 -11.37 7.04 26.95
N LYS A 785 -11.40 6.37 25.79
CA LYS A 785 -10.78 5.05 25.73
C LYS A 785 -9.29 5.13 26.00
N ALA A 786 -8.63 6.14 25.43
CA ALA A 786 -7.18 6.21 25.55
C ALA A 786 -6.78 6.59 26.97
N LEU A 787 -7.55 7.47 27.62
CA LEU A 787 -7.22 7.84 29.00
C LEU A 787 -7.42 6.65 29.93
N THR A 788 -8.49 5.88 29.71
CA THR A 788 -8.73 4.66 30.49
C THR A 788 -7.61 3.65 30.29
N LEU A 789 -7.19 3.46 29.04
CA LEU A 789 -6.09 2.53 28.77
C LEU A 789 -4.79 3.01 29.42
N ALA A 790 -4.52 4.31 29.36
CA ALA A 790 -3.32 4.85 29.97
C ALA A 790 -3.39 4.85 31.49
N GLY A 791 -4.58 4.72 32.07
CA GLY A 791 -4.72 4.75 33.51
C GLY A 791 -4.62 6.12 34.13
N ILE A 792 -5.03 7.18 33.42
CA ILE A 792 -4.96 8.54 33.92
C ILE A 792 -6.32 9.21 33.71
N SER A 793 -6.45 10.40 34.28
CA SER A 793 -7.63 11.21 34.09
C SER A 793 -7.30 12.37 33.16
N ALA A 794 -8.34 12.96 32.59
CA ALA A 794 -8.13 14.08 31.67
C ALA A 794 -7.35 15.21 32.34
N ALA A 795 -7.55 15.43 33.65
CA ALA A 795 -6.83 16.50 34.33
C ALA A 795 -5.33 16.23 34.43
N ASP A 796 -4.91 14.99 34.21
CA ASP A 796 -3.50 14.62 34.23
C ASP A 796 -2.74 15.04 32.98
N VAL A 797 -3.43 15.53 31.95
CA VAL A 797 -2.79 15.86 30.69
C VAL A 797 -2.28 17.30 30.73
N ALA A 798 -0.98 17.46 30.46
CA ALA A 798 -0.32 18.76 30.55
C ALA A 798 -0.57 19.62 29.32
N SER A 799 -0.62 19.00 28.14
CA SER A 799 -0.79 19.74 26.90
C SER A 799 -1.34 18.77 25.87
N VAL A 800 -1.80 19.34 24.75
CA VAL A 800 -2.54 18.58 23.75
C VAL A 800 -1.94 18.89 22.39
N GLU A 801 -1.56 17.83 21.67
CA GLU A 801 -1.05 17.96 20.31
C GLU A 801 -2.24 17.74 19.39
N ALA A 802 -2.86 18.82 18.94
CA ALA A 802 -4.05 18.68 18.10
C ALA A 802 -3.65 18.26 16.69
N HIS A 803 -4.57 17.62 15.99
CA HIS A 803 -4.37 17.36 14.57
C HIS A 803 -4.17 18.66 13.81
N ALA A 804 -5.07 19.63 14.04
CA ALA A 804 -5.00 20.99 13.51
C ALA A 804 -4.62 21.01 12.01
N SER A 805 -5.38 20.26 11.22
CA SER A 805 -5.05 20.10 9.80
C SER A 805 -5.24 21.38 9.02
N GLY A 806 -6.17 22.24 9.44
CA GLY A 806 -6.53 23.37 8.62
C GLY A 806 -7.66 23.10 7.63
N PHE A 807 -8.18 21.88 7.59
CA PHE A 807 -9.48 21.63 6.94
C PHE A 807 -10.56 21.95 7.96
N SER A 808 -11.54 22.77 7.56
CA SER A 808 -12.37 23.45 8.55
C SER A 808 -13.18 22.47 9.39
N ALA A 809 -13.75 21.43 8.79
CA ALA A 809 -14.57 20.52 9.59
C ALA A 809 -13.75 19.80 10.65
N GLU A 810 -12.49 19.47 10.33
CA GLU A 810 -11.61 18.83 11.32
C GLU A 810 -11.22 19.79 12.43
N ASN A 811 -10.78 21.00 12.05
CA ASN A 811 -10.43 21.99 13.06
C ASN A 811 -11.62 22.29 13.97
N ASN A 812 -12.82 22.41 13.38
CA ASN A 812 -13.98 22.81 14.18
C ASN A 812 -14.39 21.69 15.13
N ALA A 813 -14.29 20.43 14.72
CA ALA A 813 -14.58 19.34 15.64
C ALA A 813 -13.59 19.35 16.81
N GLU A 814 -12.32 19.64 16.53
CA GLU A 814 -11.33 19.69 17.61
C GLU A 814 -11.54 20.91 18.51
N LYS A 815 -11.97 22.04 17.94
CA LYS A 815 -12.24 23.22 18.77
C LYS A 815 -13.36 22.96 19.76
N THR A 816 -14.28 22.08 19.41
CA THR A 816 -15.35 21.71 20.31
C THR A 816 -14.86 20.71 21.36
N ALA A 817 -14.21 19.63 20.92
CA ALA A 817 -13.93 18.50 21.80
C ALA A 817 -12.73 18.73 22.72
N LEU A 818 -11.61 19.28 22.20
CA LEU A 818 -10.38 19.26 22.97
C LEU A 818 -10.42 20.20 24.18
N PRO A 819 -10.89 21.45 24.07
CA PRO A 819 -10.98 22.30 25.28
C PRO A 819 -11.99 21.77 26.28
N THR A 820 -13.01 21.04 25.82
CA THR A 820 -13.94 20.40 26.74
C THR A 820 -13.27 19.26 27.51
N LEU A 821 -12.51 18.41 26.79
CA LEU A 821 -11.82 17.31 27.44
C LEU A 821 -10.75 17.81 28.39
N TYR A 822 -10.01 18.83 27.97
CA TYR A 822 -8.75 19.22 28.60
C TYR A 822 -8.75 20.73 28.82
N PRO A 823 -9.64 21.24 29.68
CA PRO A 823 -9.83 22.70 29.78
C PRO A 823 -8.60 23.46 30.25
N SER A 824 -7.71 22.83 31.01
CA SER A 824 -6.53 23.52 31.50
C SER A 824 -5.28 23.28 30.66
N ALA A 825 -5.37 22.51 29.58
CA ALA A 825 -4.18 22.18 28.79
C ALA A 825 -4.04 23.09 27.58
N SER A 826 -2.81 23.51 27.28
CA SER A 826 -2.56 24.28 26.08
C SER A 826 -2.60 23.36 24.86
N ILE A 827 -3.03 23.92 23.73
CA ILE A 827 -3.21 23.18 22.47
C ILE A 827 -2.22 23.74 21.46
N SER A 828 -1.49 22.85 20.78
CA SER A 828 -0.60 23.30 19.71
C SER A 828 -0.54 22.20 18.66
N SER A 829 0.17 22.47 17.55
CA SER A 829 0.35 21.45 16.53
C SER A 829 1.68 21.65 15.82
N VAL A 830 2.39 20.53 15.61
CA VAL A 830 3.63 20.50 14.88
C VAL A 830 3.43 20.98 13.44
N LYS A 831 2.19 20.98 12.94
CA LYS A 831 2.00 21.45 11.56
C LYS A 831 2.28 22.94 11.41
N ALA A 832 2.20 23.68 12.51
CA ALA A 832 2.62 25.08 12.47
C ALA A 832 4.11 25.24 12.20
N ASN A 833 4.91 24.22 12.49
CA ASN A 833 6.35 24.28 12.25
C ASN A 833 6.74 23.68 10.91
N ILE A 834 6.14 22.54 10.52
CA ILE A 834 6.63 21.82 9.34
C ILE A 834 5.49 21.45 8.39
N GLY A 835 4.31 22.05 8.58
CA GLY A 835 3.21 21.84 7.63
C GLY A 835 2.55 20.47 7.77
N HIS A 836 1.59 20.21 6.87
CA HIS A 836 0.76 19.00 6.91
C HIS A 836 1.43 17.93 6.07
N THR A 837 1.94 16.86 6.69
CA THR A 837 2.64 15.83 5.95
C THR A 837 1.77 14.59 5.70
N PHE A 838 0.45 14.74 5.83
CA PHE A 838 -0.55 13.77 5.41
C PHE A 838 -0.25 12.34 5.87
N ASN A 839 0.20 11.45 4.98
CA ASN A 839 0.35 10.06 5.46
C ASN A 839 1.46 9.91 6.51
N ALA A 840 2.38 10.86 6.61
CA ALA A 840 3.38 10.83 7.66
C ALA A 840 3.02 11.72 8.86
N SER A 841 1.83 12.35 8.86
CA SER A 841 1.57 13.40 9.86
C SER A 841 1.56 12.86 11.29
N GLY A 842 1.12 11.61 11.48
CA GLY A 842 1.19 11.04 12.83
C GLY A 842 2.60 10.94 13.38
N MET A 843 3.58 10.70 12.50
CA MET A 843 4.97 10.60 12.96
C MET A 843 5.51 11.97 13.39
N ALA A 844 5.21 13.03 12.65
CA ALA A 844 5.61 14.37 13.08
C ALA A 844 5.09 14.69 14.47
N SER A 845 3.81 14.39 14.74
CA SER A 845 3.24 14.68 16.05
C SER A 845 3.87 13.85 17.15
N ILE A 846 4.07 12.55 16.90
CA ILE A 846 4.68 11.69 17.91
C ILE A 846 6.10 12.16 18.23
N ILE A 847 6.87 12.49 17.20
CA ILE A 847 8.26 12.84 17.44
C ILE A 847 8.39 14.19 18.15
N LYS A 848 7.60 15.20 17.74
CA LYS A 848 7.56 16.45 18.51
C LYS A 848 7.26 16.17 19.98
N THR A 849 6.22 15.38 20.23
CA THR A 849 5.77 15.12 21.59
C THR A 849 6.82 14.33 22.37
N ALA A 850 7.42 13.31 21.74
CA ALA A 850 8.46 12.55 22.42
C ALA A 850 9.68 13.42 22.73
N LEU A 851 10.07 14.33 21.83
CA LEU A 851 11.21 15.20 22.12
C LEU A 851 10.91 16.13 23.30
N LEU A 852 9.68 16.68 23.35
CA LEU A 852 9.31 17.57 24.44
C LEU A 852 9.30 16.83 25.78
N LEU A 853 8.73 15.63 25.80
CA LEU A 853 8.73 14.82 27.03
C LEU A 853 10.13 14.36 27.42
N ASP A 854 11.00 14.07 26.44
CA ASP A 854 12.38 13.73 26.76
C ASP A 854 13.13 14.87 27.43
N GLN A 855 12.72 16.11 27.18
CA GLN A 855 13.31 17.31 27.77
C GLN A 855 12.72 17.68 29.13
N ASN A 856 11.69 16.96 29.59
CA ASN A 856 10.96 17.36 30.79
C ASN A 856 11.89 17.38 31.99
N THR A 857 11.84 18.46 32.77
CA THR A 857 12.61 18.57 34.00
C THR A 857 11.77 19.17 35.13
N SER A 858 10.48 18.86 35.14
CA SER A 858 9.55 19.44 36.12
C SER A 858 9.62 18.73 37.48
N SER A 863 6.08 11.16 34.43
CA SER A 863 4.84 11.57 35.08
C SER A 863 4.08 12.63 34.27
N LYS A 864 4.75 13.39 33.40
CA LYS A 864 4.02 14.33 32.57
C LYS A 864 3.43 13.57 31.38
N HIS A 865 2.18 13.90 31.06
CA HIS A 865 1.41 13.23 30.02
C HIS A 865 0.95 14.23 28.98
N ILE A 866 1.05 13.86 27.71
CA ILE A 866 0.57 14.68 26.61
C ILE A 866 -0.37 13.85 25.75
N ALA A 867 -1.51 14.42 25.39
CA ALA A 867 -2.47 13.77 24.50
C ALA A 867 -2.20 14.21 23.06
N ILE A 868 -2.33 13.27 22.13
CA ILE A 868 -2.29 13.54 20.69
C ILE A 868 -3.61 13.11 20.08
N ASN A 869 -4.18 13.96 19.22
CA ASN A 869 -5.42 13.66 18.51
C ASN A 869 -5.14 13.54 17.02
N GLY A 870 -5.86 12.64 16.36
CA GLY A 870 -5.73 12.43 14.93
C GLY A 870 -7.07 12.25 14.24
N LEU A 871 -7.22 12.90 13.08
CA LEU A 871 -8.39 12.77 12.22
C LEU A 871 -7.87 12.54 10.81
N GLY A 872 -8.77 12.18 9.89
CA GLY A 872 -8.33 12.12 8.52
C GLY A 872 -9.39 11.51 7.61
N ARG A 873 -8.96 11.25 6.38
CA ARG A 873 -9.88 10.74 5.40
C ARG A 873 -10.25 9.29 5.63
N ASP A 874 -9.64 8.62 6.60
CA ASP A 874 -10.09 7.27 6.96
C ASP A 874 -11.34 7.28 7.81
N ASN A 875 -11.79 8.46 8.26
CA ASN A 875 -13.05 8.61 9.01
C ASN A 875 -13.00 7.85 10.34
N SER A 876 -11.87 7.96 11.04
CA SER A 876 -11.82 7.54 12.42
C SER A 876 -10.97 8.53 13.21
N CYS A 877 -11.25 8.62 14.49
CA CYS A 877 -10.48 9.46 15.37
C CYS A 877 -9.49 8.58 16.12
N ALA A 878 -8.23 8.97 16.12
CA ALA A 878 -7.20 8.35 16.93
C ALA A 878 -6.86 9.28 18.09
N HIS A 879 -6.61 8.69 19.26
CA HIS A 879 -6.17 9.47 20.41
C HIS A 879 -5.06 8.72 21.13
N LEU A 880 -3.96 9.41 21.43
CA LEU A 880 -2.81 8.77 22.05
C LEU A 880 -2.44 9.52 23.31
N ILE A 881 -1.91 8.78 24.29
CA ILE A 881 -1.31 9.37 25.49
C ILE A 881 0.15 8.97 25.52
N LEU A 882 1.05 9.95 25.58
CA LEU A 882 2.47 9.71 25.72
C LEU A 882 2.91 10.27 27.07
N SER A 883 3.96 9.68 27.65
CA SER A 883 4.37 10.12 28.98
C SER A 883 5.89 10.21 29.06
N SER A 884 6.37 11.13 29.90
CA SER A 884 7.80 11.27 30.09
C SER A 884 8.35 10.10 30.88
N SER A 885 9.66 9.91 30.79
CA SER A 885 10.34 8.82 31.44
C SER A 885 11.38 9.37 32.42
N ALA A 886 12.10 8.45 33.06
CA ALA A 886 12.97 8.80 34.18
C ALA A 886 14.21 9.57 33.74
N GLN A 887 14.81 9.18 32.62
CA GLN A 887 16.07 9.75 32.15
C GLN A 887 15.87 10.31 30.73
N ALA A 888 16.75 11.23 30.35
CA ALA A 888 16.85 11.62 28.95
C ALA A 888 17.53 10.51 28.15
N HIS A 889 17.06 10.29 26.92
CA HIS A 889 17.67 9.33 26.02
C HIS A 889 19.14 9.64 25.78
N GLN A 890 19.98 8.61 25.83
CA GLN A 890 21.41 8.77 25.64
C GLN A 890 21.77 8.48 24.19
N VAL A 891 22.45 9.43 23.54
CA VAL A 891 22.84 9.22 22.15
C VAL A 891 23.97 8.18 22.09
N ALA A 892 24.06 7.52 20.94
CA ALA A 892 25.04 6.44 20.72
C ALA A 892 26.46 6.98 20.68
N LEU A 906 30.18 6.81 -0.52
CA LEU A 906 29.90 7.58 -1.73
C LEU A 906 28.61 8.37 -1.55
N VAL A 907 28.72 9.57 -0.99
CA VAL A 907 27.55 10.40 -0.70
C VAL A 907 27.18 11.20 -1.94
N LYS A 908 25.91 11.14 -2.32
CA LYS A 908 25.40 11.81 -3.50
C LYS A 908 24.15 12.60 -3.16
N THR A 909 23.96 13.72 -3.86
CA THR A 909 22.80 14.58 -3.69
C THR A 909 21.74 14.21 -4.71
N ILE A 910 20.51 14.01 -4.26
CA ILE A 910 19.40 13.69 -5.13
C ILE A 910 18.33 14.75 -4.93
N LYS A 911 17.93 15.42 -6.00
CA LYS A 911 16.92 16.46 -5.94
C LYS A 911 15.54 15.86 -6.14
N LEU A 912 14.57 16.37 -5.38
CA LEU A 912 13.18 15.97 -5.59
C LEU A 912 12.62 16.69 -6.80
N GLY A 913 11.57 16.12 -7.39
CA GLY A 913 11.09 16.62 -8.66
C GLY A 913 11.97 16.06 -9.76
N GLY A 914 12.33 16.90 -10.72
CA GLY A 914 13.19 16.44 -11.79
C GLY A 914 13.28 17.47 -12.89
N GLN A 915 13.70 17.01 -14.06
CA GLN A 915 13.87 17.86 -15.23
C GLN A 915 12.64 18.75 -15.47
N LEU A 916 12.90 20.01 -15.82
CA LEU A 916 11.82 20.92 -16.16
C LEU A 916 11.18 20.50 -17.48
N ILE A 917 9.88 20.17 -17.46
CA ILE A 917 9.23 19.59 -18.64
C ILE A 917 9.29 20.55 -19.82
N SER A 918 8.85 21.81 -19.64
CA SER A 918 8.75 22.71 -20.77
C SER A 918 10.12 23.01 -21.36
N ASN A 919 11.10 23.31 -20.49
CA ASN A 919 12.45 23.62 -20.98
C ASN A 919 13.03 22.47 -21.78
N ALA A 920 12.81 21.23 -21.31
CA ALA A 920 13.36 20.06 -21.99
C ALA A 920 12.80 19.92 -23.40
N ILE A 921 11.58 20.36 -23.63
CA ILE A 921 10.99 20.31 -24.97
C ILE A 921 11.34 21.55 -25.78
N VAL A 922 11.09 22.75 -25.22
CA VAL A 922 11.25 23.98 -26.01
C VAL A 922 12.71 24.23 -26.35
N ASN A 923 13.66 23.80 -25.51
CA ASN A 923 15.06 24.02 -25.81
C ASN A 923 15.74 22.76 -26.31
N SER A 924 14.98 21.81 -26.84
CA SER A 924 15.56 20.56 -27.29
C SER A 924 16.64 20.83 -28.34
N ALA A 925 17.74 20.09 -28.24
CA ALA A 925 18.86 20.20 -29.17
C ALA A 925 18.76 19.20 -30.33
N SER A 926 17.60 18.58 -30.52
CA SER A 926 17.40 17.64 -31.61
C SER A 926 17.62 18.30 -32.96
N SER A 927 18.49 17.68 -33.78
CA SER A 927 18.78 18.19 -35.11
C SER A 927 17.58 18.07 -36.05
N SER A 928 16.90 16.92 -36.04
CA SER A 928 15.76 16.73 -36.94
C SER A 928 14.57 17.61 -36.58
N LEU A 929 14.62 18.32 -35.46
CA LEU A 929 13.51 19.19 -35.10
C LEU A 929 13.32 20.33 -36.09
N HIS A 930 14.41 20.80 -36.71
CA HIS A 930 14.28 21.89 -37.68
C HIS A 930 13.39 21.48 -38.85
N ALA A 931 13.59 20.28 -39.38
CA ALA A 931 12.81 19.81 -40.52
C ALA A 931 11.36 19.53 -40.14
N ILE A 932 11.11 19.19 -38.87
CA ILE A 932 9.73 19.01 -38.42
C ILE A 932 9.03 20.35 -38.32
N LYS A 933 9.72 21.36 -37.78
CA LYS A 933 9.13 22.69 -37.67
C LYS A 933 8.73 23.23 -39.04
N ALA A 934 9.51 22.92 -40.09
CA ALA A 934 9.22 23.39 -41.44
C ALA A 934 8.03 22.66 -42.06
N GLN A 935 7.79 21.43 -41.63
CA GLN A 935 6.58 20.71 -42.02
C GLN A 935 5.32 21.30 -41.40
N PHE A 936 5.46 22.21 -40.43
CA PHE A 936 4.33 22.87 -39.79
C PHE A 936 4.15 24.31 -40.26
N ALA A 937 5.21 24.93 -40.79
CA ALA A 937 5.22 26.36 -41.04
C ALA A 937 4.10 26.77 -41.99
N GLY A 938 3.33 27.79 -41.58
CA GLY A 938 2.30 28.39 -42.39
C GLY A 938 1.09 27.51 -42.68
N LYS A 939 0.99 26.31 -42.11
CA LYS A 939 -0.10 25.40 -42.42
C LYS A 939 -1.35 25.71 -41.60
N HIS A 940 -2.50 25.34 -42.15
CA HIS A 940 -3.74 25.31 -41.38
C HIS A 940 -3.87 23.93 -40.74
N LEU A 941 -3.97 23.87 -39.41
CA LEU A 941 -4.19 22.61 -38.70
C LEU A 941 -5.66 22.40 -38.44
N ASN A 942 -6.11 21.15 -38.54
CA ASN A 942 -7.43 20.80 -38.03
C ASN A 942 -7.41 20.77 -36.50
N LYS A 943 -8.54 21.10 -35.89
CA LYS A 943 -8.68 20.86 -34.46
C LYS A 943 -8.74 19.36 -34.18
N VAL A 944 -8.11 18.93 -33.07
CA VAL A 944 -8.23 17.52 -32.68
C VAL A 944 -9.62 17.26 -32.13
N ASN A 945 -9.98 16.00 -32.14
CA ASN A 945 -11.30 15.60 -31.66
C ASN A 945 -11.40 15.69 -30.14
N GLN A 946 -10.34 15.29 -29.43
CA GLN A 946 -10.35 15.27 -27.97
C GLN A 946 -9.07 15.91 -27.44
N PRO A 947 -9.08 17.21 -27.21
CA PRO A 947 -7.89 17.88 -26.66
C PRO A 947 -7.77 17.56 -25.17
N VAL A 948 -6.60 17.90 -24.60
CA VAL A 948 -6.38 17.66 -23.17
C VAL A 948 -7.42 18.41 -22.35
N MET A 949 -8.10 17.71 -21.45
CA MET A 949 -9.17 18.30 -20.66
C MET A 949 -8.68 18.57 -19.24
N MET A 950 -8.97 19.76 -18.73
CA MET A 950 -8.47 20.18 -17.41
C MET A 950 -9.51 20.14 -16.32
N ASP A 951 -10.74 19.71 -16.63
CA ASP A 951 -11.87 19.81 -15.70
C ASP A 951 -11.58 19.13 -14.35
N ASN A 952 -10.91 17.98 -14.38
CA ASN A 952 -10.69 17.24 -13.14
C ASN A 952 -9.73 17.93 -12.18
N LEU A 953 -8.97 18.92 -12.64
CA LEU A 953 -8.04 19.64 -11.78
C LEU A 953 -8.72 20.72 -10.96
N LYS A 954 -9.85 21.24 -11.40
CA LYS A 954 -10.52 22.29 -10.65
C LYS A 954 -10.87 21.77 -9.25
N PRO A 955 -10.54 22.51 -8.19
CA PRO A 955 -10.90 22.08 -6.82
C PRO A 955 -12.36 21.67 -6.70
N GLN A 956 -12.59 20.42 -6.29
CA GLN A 956 -13.91 19.80 -6.39
C GLN A 956 -14.86 20.15 -5.25
N GLY A 957 -14.37 20.76 -4.17
CA GLY A 957 -15.23 21.07 -3.04
C GLY A 957 -15.80 19.87 -2.32
N ILE A 958 -14.99 18.83 -2.11
CA ILE A 958 -15.49 17.61 -1.49
C ILE A 958 -15.77 17.87 -0.02
N SER A 959 -16.94 17.47 0.44
CA SER A 959 -17.29 17.70 1.83
C SER A 959 -16.56 16.72 2.75
N ALA A 960 -16.32 17.17 3.98
CA ALA A 960 -15.58 16.35 4.93
C ALA A 960 -16.45 15.21 5.44
N HIS A 961 -15.81 14.21 6.05
CA HIS A 961 -16.55 13.06 6.55
C HIS A 961 -17.60 13.47 7.57
N ALA A 962 -17.27 14.46 8.40
CA ALA A 962 -18.16 14.90 9.47
C ALA A 962 -19.51 15.40 8.96
N THR A 963 -19.59 15.81 7.68
CA THR A 963 -20.86 16.26 7.11
C THR A 963 -21.82 15.12 6.82
N ASN A 964 -21.35 13.87 6.80
CA ASN A 964 -22.24 12.72 6.52
C ASN A 964 -22.93 12.85 5.17
N GLU A 965 -22.32 13.54 4.21
CA GLU A 965 -23.02 13.87 2.98
C GLU A 965 -23.53 12.63 2.25
N TYR A 966 -22.76 11.53 2.27
CA TYR A 966 -23.16 10.36 1.50
C TYR A 966 -23.68 9.21 2.37
N VAL A 967 -23.92 9.45 3.64
CA VAL A 967 -24.40 8.40 4.54
C VAL A 967 -25.89 8.19 4.30
N VAL A 968 -26.30 6.93 4.16
CA VAL A 968 -27.73 6.66 3.87
C VAL A 968 -28.50 6.46 5.17
MG MG B . -3.78 -22.00 16.67
#